data_7KYT
#
_entry.id   7KYT
#
_cell.length_a   184.460
_cell.length_b   61.250
_cell.length_c   67.560
_cell.angle_alpha   90.000
_cell.angle_beta   94.570
_cell.angle_gamma   90.000
#
_symmetry.space_group_name_H-M   'C 1 2 1'
#
loop_
_entity.id
_entity.type
_entity.pdbx_description
1 polymer 'Tryptophan synthase alpha chain'
2 polymer 'Tryptophan synthase beta chain'
3 non-polymer '2-({[4-(TRIFLUOROMETHOXY)PHENYL]SULFONYL}AMINO)ETHYL DIHYDROGEN PHOSPHATE'
4 non-polymer 1,2-ETHANEDIOL
5 non-polymer 'CESIUM ION'
6 non-polymer '2-{[(E)-{3-hydroxy-2-methyl-5-[(phosphonooxy)methyl]pyridin-4-yl}methylidene]amino}prop-2-enoic acid'
7 non-polymer BENZIMIDAZOLE
8 non-polymer BICINE
9 water water
#
loop_
_entity_poly.entity_id
_entity_poly.type
_entity_poly.pdbx_seq_one_letter_code
_entity_poly.pdbx_strand_id
1 'polypeptide(L)'
;MERYENLFAQLNDRREGAFVPFVTLGDPGIEQSLKIIDTLIDAGADALELGVPFSDPLADGPTIQNANLRAFAAGVTPAQ
CFEMLALIREKHPTIPIGLLMYANLVFNNGIDAFYARCEQVGVDSVLVADVPVEESAPFRQAALRHNIAPIFICPPNADD
DLLRQVASYGRGYTYLLSRSGVTGAENRGALPLHHLIEKLKEYHAAPALQGFGISSPEQVSAAVRAGAAGAISGSAIVKI
IEKNLASPKQMLAELRSFVSAMKAASRA
;
A
2 'polypeptide(L)'
;MTTLLNPYFGEFGGMYVPQILMPALNQLEEAFVSAQKDPEFQAQFADLLKNYAGRPTALTKCQNITAGTRTTLYLKREDL
LHGGAHKTNQVLGQALLAKRMGKSEIIAETGAGQHGVASALASALLGLKCRIYMGAKDVERQSPNVFRMRLMGAEVIPVH
SGSATLKDACNEALRDWSGSYETAHYMLGTAAGPHPYPTIVREFQRMIGEETKAQILDKEGRLPDAVIACVGGGSNAIGM
FADFINDTSVGLIGVEPGGHGIETGEHGAPLKHGRVGIYFGMKAPMMQTADGQIEESYSISAGLDFPSVGPQHAYLNSIG
RADYVSITDDEALEAFKTLCRHEGIIPALESSHALAHALKMMREQPEKEQLLVVNLSGRGDKDIFTVHDILKARGEI
;
B
#
loop_
_chem_comp.id
_chem_comp.type
_chem_comp.name
_chem_comp.formula
0JO non-polymer '2-{[(E)-{3-hydroxy-2-methyl-5-[(phosphonooxy)methyl]pyridin-4-yl}methylidene]amino}prop-2-enoic acid' 'C11 H13 N2 O7 P'
BCN non-polymer BICINE 'C6 H13 N O4'
BZI non-polymer BENZIMIDAZOLE 'C7 H6 N2'
CS non-polymer 'CESIUM ION' 'Cs 1'
EDO non-polymer 1,2-ETHANEDIOL 'C2 H6 O2'
F9F non-polymer '2-({[4-(TRIFLUOROMETHOXY)PHENYL]SULFONYL}AMINO)ETHYL DIHYDROGEN PHOSPHATE' 'C9 H11 F3 N O7 P S'
#
# COMPACT_ATOMS: atom_id res chain seq x y z
N GLU A 2 14.25 17.27 25.48
CA GLU A 2 15.07 17.11 26.73
C GLU A 2 14.27 16.38 27.83
N ARG A 3 12.96 16.26 27.65
CA ARG A 3 12.14 15.52 28.60
C ARG A 3 12.57 14.05 28.67
N TYR A 4 13.00 13.48 27.53
CA TYR A 4 13.47 12.09 27.55
C TYR A 4 14.80 11.99 28.28
N GLU A 5 15.70 12.93 27.99
N GLU A 5 15.71 12.93 28.02
CA GLU A 5 17.03 12.95 28.60
CA GLU A 5 17.04 12.94 28.61
C GLU A 5 16.89 12.96 30.13
C GLU A 5 16.92 12.99 30.14
N ASN A 6 16.02 13.85 30.64
CA ASN A 6 15.78 13.99 32.06
C ASN A 6 15.17 12.71 32.64
N LEU A 7 14.24 12.09 31.90
CA LEU A 7 13.56 10.90 32.39
C LEU A 7 14.58 9.78 32.56
N PHE A 8 15.37 9.55 31.52
CA PHE A 8 16.29 8.43 31.51
C PHE A 8 17.38 8.61 32.57
N ALA A 9 17.78 9.86 32.82
CA ALA A 9 18.73 10.16 33.87
C ALA A 9 18.16 9.78 35.24
N GLN A 10 16.88 10.11 35.46
CA GLN A 10 16.20 9.86 36.73
C GLN A 10 16.05 8.36 36.95
N LEU A 11 15.63 7.64 35.89
CA LEU A 11 15.46 6.20 35.98
C LEU A 11 16.80 5.50 36.23
N ASN A 12 17.87 6.00 35.59
CA ASN A 12 19.19 5.43 35.78
C ASN A 12 19.64 5.57 37.24
N ASP A 13 19.38 6.75 37.82
CA ASP A 13 19.78 7.07 39.18
C ASP A 13 19.05 6.14 40.17
N ARG A 14 17.85 5.71 39.80
CA ARG A 14 17.02 4.90 40.69
C ARG A 14 17.10 3.42 40.28
N ARG A 15 17.94 3.13 39.27
CA ARG A 15 18.16 1.79 38.74
C ARG A 15 16.82 1.15 38.34
N GLU A 16 16.05 1.86 37.52
CA GLU A 16 14.74 1.41 37.07
C GLU A 16 14.68 1.46 35.54
N GLY A 17 13.82 0.61 34.96
CA GLY A 17 13.42 0.75 33.56
C GLY A 17 12.17 1.58 33.40
N ALA A 18 11.90 2.01 32.16
CA ALA A 18 10.71 2.78 31.82
C ALA A 18 9.58 1.82 31.45
N PHE A 19 8.36 2.15 31.89
CA PHE A 19 7.19 1.54 31.30
C PHE A 19 6.38 2.61 30.57
N VAL A 20 6.12 2.35 29.28
CA VAL A 20 5.53 3.33 28.38
C VAL A 20 4.28 2.73 27.73
N PRO A 21 3.06 3.08 28.16
CA PRO A 21 1.84 2.63 27.49
C PRO A 21 1.61 3.35 26.18
N PHE A 22 0.98 2.66 25.23
CA PHE A 22 0.40 3.28 24.04
C PHE A 22 -1.13 3.26 24.12
N VAL A 23 -1.77 4.36 23.72
CA VAL A 23 -3.19 4.37 23.39
C VAL A 23 -3.42 5.25 22.17
N THR A 24 -4.57 5.05 21.52
CA THR A 24 -5.02 5.92 20.45
C THR A 24 -5.73 7.13 21.05
N LEU A 25 -5.32 8.33 20.63
CA LEU A 25 -5.99 9.54 21.07
C LEU A 25 -7.44 9.54 20.61
N GLY A 26 -8.36 9.81 21.55
CA GLY A 26 -9.77 9.98 21.24
C GLY A 26 -10.54 8.67 21.24
N ASP A 27 -9.89 7.56 21.62
CA ASP A 27 -10.56 6.27 21.75
C ASP A 27 -10.92 6.06 23.22
N PRO A 28 -12.20 5.83 23.59
CA PRO A 28 -13.33 5.74 22.65
C PRO A 28 -14.08 7.05 22.42
N GLY A 29 -13.64 8.09 23.11
CA GLY A 29 -14.11 9.45 22.89
C GLY A 29 -13.07 10.42 23.47
N ILE A 30 -13.24 11.71 23.21
CA ILE A 30 -12.24 12.66 23.63
C ILE A 30 -12.17 12.71 25.16
N GLU A 31 -13.34 12.82 25.81
CA GLU A 31 -13.34 13.01 27.25
C GLU A 31 -12.81 11.76 27.95
N GLN A 32 -13.25 10.57 27.50
CA GLN A 32 -12.83 9.32 28.11
C GLN A 32 -11.34 9.06 27.86
N SER A 33 -10.87 9.41 26.67
CA SER A 33 -9.45 9.30 26.32
C SER A 33 -8.60 10.11 27.29
N LEU A 34 -9.03 11.35 27.59
CA LEU A 34 -8.29 12.21 28.50
C LEU A 34 -8.21 11.57 29.88
N LYS A 35 -9.33 10.98 30.34
CA LYS A 35 -9.37 10.35 31.64
C LYS A 35 -8.49 9.10 31.66
N ILE A 36 -8.51 8.32 30.58
CA ILE A 36 -7.67 7.14 30.42
C ILE A 36 -6.21 7.54 30.60
N ILE A 37 -5.79 8.62 29.91
CA ILE A 37 -4.40 9.03 29.92
C ILE A 37 -4.02 9.49 31.32
N ASP A 38 -4.93 10.20 32.01
CA ASP A 38 -4.64 10.61 33.38
C ASP A 38 -4.42 9.39 34.27
N THR A 39 -5.20 8.32 34.04
CA THR A 39 -5.10 7.10 34.81
C THR A 39 -3.77 6.40 34.54
N LEU A 40 -3.35 6.34 33.27
CA LEU A 40 -2.07 5.72 32.92
C LEU A 40 -0.93 6.42 33.68
N ILE A 41 -1.01 7.76 33.74
CA ILE A 41 0.05 8.53 34.37
C ILE A 41 0.03 8.33 35.88
N ASP A 42 -1.18 8.37 36.48
CA ASP A 42 -1.32 8.24 37.93
C ASP A 42 -0.88 6.84 38.38
N ALA A 43 -1.02 5.86 37.49
CA ALA A 43 -0.71 4.47 37.80
C ALA A 43 0.79 4.18 37.64
N GLY A 44 1.52 5.12 37.03
CA GLY A 44 2.98 5.07 37.04
C GLY A 44 3.64 5.03 35.66
N ALA A 45 2.92 5.38 34.58
CA ALA A 45 3.56 5.48 33.28
C ALA A 45 4.72 6.48 33.36
N ASP A 46 5.87 6.12 32.77
CA ASP A 46 7.04 6.99 32.74
C ASP A 46 7.01 7.95 31.55
N ALA A 47 6.37 7.52 30.46
CA ALA A 47 6.19 8.30 29.25
C ALA A 47 4.95 7.78 28.56
N LEU A 48 4.50 8.49 27.50
CA LEU A 48 3.34 8.07 26.73
C LEU A 48 3.73 7.95 25.27
N GLU A 49 3.17 6.92 24.61
N GLU A 49 3.17 6.92 24.60
CA GLU A 49 3.11 6.88 23.15
CA GLU A 49 3.10 6.88 23.15
C GLU A 49 1.65 7.04 22.76
C GLU A 49 1.64 7.04 22.75
N LEU A 50 1.35 8.05 21.91
CA LEU A 50 -0.03 8.38 21.60
C LEU A 50 -0.25 8.33 20.09
N GLY A 51 -1.23 7.52 19.67
CA GLY A 51 -1.57 7.41 18.25
C GLY A 51 -2.58 8.45 17.75
N VAL A 52 -2.27 9.09 16.62
CA VAL A 52 -3.25 9.94 15.95
C VAL A 52 -4.03 9.05 14.97
N PRO A 53 -5.37 8.94 15.11
CA PRO A 53 -6.15 8.05 14.25
C PRO A 53 -5.86 8.30 12.78
N PHE A 54 -5.63 7.19 12.06
CA PHE A 54 -5.38 7.22 10.64
C PHE A 54 -6.24 6.16 9.97
N SER A 55 -6.68 6.48 8.75
CA SER A 55 -7.59 5.63 8.00
C SER A 55 -7.00 4.26 7.69
N ASP A 56 -5.68 4.17 7.46
CA ASP A 56 -5.11 2.93 6.97
C ASP A 56 -3.80 2.62 7.70
N PRO A 57 -3.86 2.20 8.99
CA PRO A 57 -2.65 1.97 9.79
C PRO A 57 -1.98 0.62 9.54
N LEU A 58 -0.97 0.60 8.66
N LEU A 58 -1.00 0.59 8.62
CA LEU A 58 -0.47 -0.64 8.07
CA LEU A 58 -0.53 -0.69 8.11
C LEU A 58 0.56 -1.37 8.95
C LEU A 58 0.29 -1.46 9.15
N ALA A 59 0.95 -0.77 10.09
CA ALA A 59 1.83 -1.44 11.04
C ALA A 59 1.02 -1.97 12.23
N ASP A 60 -0.30 -1.83 12.18
CA ASP A 60 -1.15 -2.16 13.32
C ASP A 60 -2.04 -3.36 13.00
N GLY A 61 -2.11 -4.28 13.98
CA GLY A 61 -3.04 -5.40 13.94
C GLY A 61 -4.43 -5.01 14.41
N PRO A 62 -5.37 -5.99 14.46
CA PRO A 62 -6.78 -5.71 14.70
C PRO A 62 -7.10 -4.89 15.96
N THR A 63 -6.40 -5.13 17.07
CA THR A 63 -6.76 -4.42 18.29
C THR A 63 -6.63 -2.90 18.08
N ILE A 64 -5.49 -2.47 17.55
CA ILE A 64 -5.26 -1.04 17.36
C ILE A 64 -5.98 -0.52 16.11
N GLN A 65 -6.19 -1.35 15.09
CA GLN A 65 -7.08 -0.97 14.00
C GLN A 65 -8.44 -0.56 14.56
N ASN A 66 -8.95 -1.36 15.49
CA ASN A 66 -10.27 -1.14 16.05
C ASN A 66 -10.32 0.11 16.93
N ALA A 67 -9.20 0.44 17.57
CA ALA A 67 -9.12 1.67 18.37
C ALA A 67 -9.25 2.87 17.44
N ASN A 68 -8.55 2.81 16.30
CA ASN A 68 -8.62 3.87 15.31
C ASN A 68 -10.08 4.07 14.88
N LEU A 69 -10.77 2.97 14.61
CA LEU A 69 -12.16 3.03 14.15
C LEU A 69 -13.04 3.65 15.23
N ARG A 70 -12.79 3.32 16.51
CA ARG A 70 -13.59 3.91 17.58
C ARG A 70 -13.39 5.42 17.62
N ALA A 71 -12.14 5.86 17.48
CA ALA A 71 -11.86 7.28 17.51
C ALA A 71 -12.57 7.99 16.35
N PHE A 72 -12.55 7.39 15.16
CA PHE A 72 -13.22 7.99 14.01
C PHE A 72 -14.73 8.05 14.22
N ALA A 73 -15.30 7.03 14.88
CA ALA A 73 -16.73 6.99 15.14
C ALA A 73 -17.14 8.13 16.08
N ALA A 74 -16.19 8.58 16.91
CA ALA A 74 -16.37 9.72 17.80
C ALA A 74 -16.01 11.03 17.09
N GLY A 75 -15.62 10.94 15.82
CA GLY A 75 -15.37 12.11 14.98
C GLY A 75 -14.02 12.78 15.22
N VAL A 76 -13.05 12.00 15.73
CA VAL A 76 -11.75 12.54 16.07
C VAL A 76 -10.95 12.84 14.81
N THR A 77 -10.35 14.03 14.79
CA THR A 77 -9.49 14.52 13.72
C THR A 77 -8.11 14.83 14.30
N PRO A 78 -7.05 14.97 13.47
CA PRO A 78 -5.76 15.42 13.97
C PRO A 78 -5.81 16.76 14.71
N ALA A 79 -6.69 17.68 14.28
CA ALA A 79 -6.77 18.97 14.95
C ALA A 79 -7.24 18.80 16.39
N GLN A 80 -8.25 17.94 16.59
CA GLN A 80 -8.74 17.65 17.92
C GLN A 80 -7.66 16.94 18.75
N CYS A 81 -6.86 16.10 18.10
CA CYS A 81 -5.75 15.45 18.80
C CYS A 81 -4.80 16.50 19.37
N PHE A 82 -4.49 17.52 18.57
CA PHE A 82 -3.60 18.58 19.04
C PHE A 82 -4.22 19.36 20.20
N GLU A 83 -5.56 19.52 20.20
CA GLU A 83 -6.26 20.14 21.31
C GLU A 83 -6.08 19.30 22.58
N MET A 84 -6.23 17.98 22.43
CA MET A 84 -6.05 17.05 23.54
C MET A 84 -4.63 17.12 24.07
N LEU A 85 -3.64 17.13 23.17
CA LEU A 85 -2.24 17.17 23.58
C LEU A 85 -1.93 18.42 24.41
N ALA A 86 -2.55 19.56 24.05
CA ALA A 86 -2.36 20.79 24.81
C ALA A 86 -2.85 20.60 26.25
N LEU A 87 -4.02 19.95 26.40
CA LEU A 87 -4.60 19.71 27.72
C LEU A 87 -3.73 18.75 28.55
N ILE A 88 -3.17 17.73 27.90
CA ILE A 88 -2.35 16.76 28.62
C ILE A 88 -1.09 17.46 29.13
N ARG A 89 -0.41 18.19 28.23
CA ARG A 89 0.81 18.89 28.59
C ARG A 89 0.57 19.94 29.68
N GLU A 90 -0.63 20.55 29.71
CA GLU A 90 -0.95 21.59 30.67
C GLU A 90 -1.00 21.02 32.09
N LYS A 91 -1.44 19.76 32.20
CA LYS A 91 -1.60 19.05 33.48
C LYS A 91 -0.31 18.37 33.90
N HIS A 92 0.51 17.96 32.92
CA HIS A 92 1.63 17.07 33.14
C HIS A 92 2.88 17.64 32.48
N PRO A 93 3.60 18.57 33.14
CA PRO A 93 4.67 19.33 32.49
C PRO A 93 5.94 18.56 32.10
N THR A 94 6.20 17.42 32.77
CA THR A 94 7.50 16.78 32.64
C THR A 94 7.43 15.45 31.89
N ILE A 95 6.25 14.83 31.78
CA ILE A 95 6.20 13.49 31.20
C ILE A 95 6.55 13.56 29.71
N PRO A 96 7.46 12.71 29.18
CA PRO A 96 7.70 12.71 27.73
C PRO A 96 6.48 12.19 26.99
N ILE A 97 6.09 12.92 25.94
CA ILE A 97 4.97 12.54 25.09
C ILE A 97 5.48 12.29 23.69
N GLY A 98 5.26 11.06 23.20
CA GLY A 98 5.62 10.70 21.86
C GLY A 98 4.36 10.45 21.03
N LEU A 99 4.41 10.84 19.75
CA LEU A 99 3.31 10.54 18.82
C LEU A 99 3.71 9.38 17.91
N LEU A 100 2.73 8.51 17.65
CA LEU A 100 2.87 7.50 16.62
C LEU A 100 2.08 7.99 15.40
N MET A 101 2.81 8.29 14.33
CA MET A 101 2.24 8.91 13.14
C MET A 101 2.40 7.99 11.94
N TYR A 102 1.44 8.07 11.01
CA TYR A 102 1.66 7.58 9.66
C TYR A 102 2.06 8.76 8.77
N ALA A 103 2.90 8.47 7.78
CA ALA A 103 3.59 9.48 6.97
C ALA A 103 2.59 10.47 6.37
N ASN A 104 1.47 9.99 5.83
CA ASN A 104 0.62 10.93 5.12
C ASN A 104 0.12 12.03 6.04
N LEU A 105 -0.07 11.74 7.33
CA LEU A 105 -0.62 12.78 8.21
C LEU A 105 0.43 13.83 8.51
N VAL A 106 1.71 13.47 8.40
CA VAL A 106 2.81 14.39 8.64
C VAL A 106 3.09 15.19 7.37
N PHE A 107 3.06 14.50 6.23
CA PHE A 107 3.38 15.08 4.92
C PHE A 107 2.27 16.00 4.40
N ASN A 108 1.00 15.69 4.76
CA ASN A 108 -0.20 16.46 4.40
C ASN A 108 0.00 17.95 4.67
N ASN A 109 -0.05 18.76 3.61
CA ASN A 109 0.07 20.20 3.76
C ASN A 109 1.33 20.62 4.53
N GLY A 110 2.36 19.76 4.61
CA GLY A 110 3.70 20.26 4.88
C GLY A 110 4.37 19.65 6.12
N ILE A 111 5.54 19.05 5.88
CA ILE A 111 6.31 18.38 6.96
C ILE A 111 6.72 19.40 8.02
N ASP A 112 7.28 20.54 7.60
CA ASP A 112 7.76 21.52 8.56
C ASP A 112 6.63 22.01 9.44
N ALA A 113 5.47 22.29 8.83
CA ALA A 113 4.32 22.78 9.57
C ALA A 113 3.86 21.76 10.61
N PHE A 114 3.97 20.46 10.28
CA PHE A 114 3.54 19.45 11.24
C PHE A 114 4.41 19.47 12.50
N TYR A 115 5.74 19.45 12.31
CA TYR A 115 6.66 19.46 13.45
C TYR A 115 6.56 20.78 14.22
N ALA A 116 6.24 21.88 13.53
CA ALA A 116 6.05 23.14 14.24
C ALA A 116 4.84 23.04 15.20
N ARG A 117 3.75 22.39 14.75
CA ARG A 117 2.57 22.23 15.61
C ARG A 117 2.91 21.34 16.81
N CYS A 118 3.73 20.31 16.58
CA CYS A 118 4.21 19.44 17.65
C CYS A 118 4.97 20.24 18.71
N GLU A 119 5.90 21.09 18.27
CA GLU A 119 6.69 21.90 19.18
C GLU A 119 5.77 22.86 19.95
N GLN A 120 4.79 23.47 19.26
CA GLN A 120 3.93 24.46 19.89
C GLN A 120 3.15 23.81 21.03
N VAL A 121 2.73 22.55 20.84
CA VAL A 121 1.86 21.91 21.82
C VAL A 121 2.67 21.22 22.93
N GLY A 122 3.96 20.98 22.70
CA GLY A 122 4.84 20.40 23.71
C GLY A 122 5.02 18.89 23.61
N VAL A 123 4.87 18.35 22.40
CA VAL A 123 5.24 16.97 22.11
C VAL A 123 6.76 16.83 22.17
N ASP A 124 7.26 15.64 22.54
CA ASP A 124 8.69 15.44 22.69
C ASP A 124 9.31 14.61 21.57
N SER A 125 8.55 13.67 21.00
CA SER A 125 9.09 12.83 19.94
C SER A 125 7.98 12.47 18.94
N VAL A 126 8.41 12.08 17.74
CA VAL A 126 7.50 11.59 16.72
C VAL A 126 8.15 10.37 16.08
N LEU A 127 7.37 9.27 16.03
CA LEU A 127 7.74 8.06 15.32
C LEU A 127 6.82 7.97 14.10
N VAL A 128 7.41 8.05 12.91
CA VAL A 128 6.62 7.91 11.69
C VAL A 128 6.79 6.48 11.21
N ALA A 129 5.73 5.67 11.32
CA ALA A 129 5.87 4.22 11.26
C ALA A 129 6.25 3.70 9.88
N ASP A 130 5.86 4.41 8.81
CA ASP A 130 6.05 3.93 7.45
C ASP A 130 7.12 4.76 6.73
N VAL A 131 7.99 5.42 7.49
CA VAL A 131 9.15 6.08 6.92
C VAL A 131 10.43 5.38 7.42
N PRO A 132 11.10 4.56 6.59
CA PRO A 132 12.35 3.94 7.04
C PRO A 132 13.46 4.98 7.03
N VAL A 133 14.63 4.66 7.63
CA VAL A 133 15.72 5.62 7.70
C VAL A 133 16.10 6.12 6.31
N GLU A 134 15.95 5.24 5.31
CA GLU A 134 16.31 5.55 3.93
C GLU A 134 15.46 6.70 3.35
N GLU A 135 14.24 6.94 3.86
CA GLU A 135 13.36 7.99 3.36
C GLU A 135 13.24 9.14 4.35
N SER A 136 14.07 9.13 5.41
CA SER A 136 13.76 9.90 6.60
C SER A 136 14.23 11.35 6.53
N ALA A 137 15.11 11.71 5.58
CA ALA A 137 15.82 12.99 5.66
C ALA A 137 14.90 14.18 5.95
N PRO A 138 13.83 14.47 5.17
CA PRO A 138 13.07 15.69 5.43
C PRO A 138 12.32 15.65 6.76
N PHE A 139 11.98 14.43 7.21
CA PHE A 139 11.26 14.27 8.47
C PHE A 139 12.19 14.54 9.65
N ARG A 140 13.36 13.89 9.64
CA ARG A 140 14.26 14.04 10.77
C ARG A 140 14.82 15.46 10.84
N GLN A 141 15.07 16.06 9.68
CA GLN A 141 15.59 17.44 9.66
C GLN A 141 14.54 18.38 10.26
N ALA A 142 13.28 18.24 9.81
CA ALA A 142 12.23 19.10 10.34
C ALA A 142 12.05 18.87 11.84
N ALA A 143 12.12 17.61 12.29
CA ALA A 143 11.98 17.30 13.69
C ALA A 143 13.04 18.04 14.51
N LEU A 144 14.30 17.93 14.08
CA LEU A 144 15.38 18.54 14.86
C LEU A 144 15.27 20.06 14.85
N ARG A 145 14.82 20.65 13.73
CA ARG A 145 14.68 22.11 13.67
C ARG A 145 13.64 22.59 14.67
N HIS A 146 12.69 21.73 15.04
CA HIS A 146 11.62 22.10 15.95
C HIS A 146 11.77 21.43 17.32
N ASN A 147 13.00 20.99 17.64
CA ASN A 147 13.34 20.43 18.95
C ASN A 147 12.47 19.21 19.27
N ILE A 148 12.14 18.42 18.26
CA ILE A 148 11.39 17.17 18.41
C ILE A 148 12.34 16.02 18.13
N ALA A 149 12.29 14.98 18.97
CA ALA A 149 13.09 13.77 18.74
C ALA A 149 12.48 12.92 17.63
N PRO A 150 13.20 12.62 16.53
CA PRO A 150 12.69 11.64 15.56
C PRO A 150 13.07 10.23 16.06
N ILE A 151 12.06 9.34 16.13
CA ILE A 151 12.26 7.99 16.64
C ILE A 151 12.43 7.01 15.48
N PHE A 152 13.50 6.21 15.54
CA PHE A 152 13.76 5.17 14.55
C PHE A 152 13.70 3.77 15.15
N ILE A 153 13.44 2.82 14.26
CA ILE A 153 13.22 1.43 14.63
C ILE A 153 14.49 0.64 14.34
N CYS A 154 14.88 -0.16 15.33
CA CYS A 154 15.91 -1.17 15.18
C CYS A 154 15.23 -2.53 15.14
N PRO A 155 15.03 -3.13 13.94
CA PRO A 155 14.41 -4.45 13.82
C PRO A 155 15.34 -5.57 14.27
N PRO A 156 14.82 -6.78 14.59
CA PRO A 156 15.66 -7.89 15.04
C PRO A 156 16.84 -8.25 14.13
N ASN A 157 16.67 -8.11 12.82
CA ASN A 157 17.73 -8.50 11.91
C ASN A 157 18.48 -7.30 11.36
N ALA A 158 18.58 -6.24 12.18
CA ALA A 158 19.32 -5.04 11.80
C ALA A 158 20.79 -5.37 11.57
N ASP A 159 21.31 -4.91 10.43
CA ASP A 159 22.73 -5.00 10.13
C ASP A 159 23.45 -3.80 10.74
N ASP A 160 24.79 -3.81 10.61
CA ASP A 160 25.64 -2.84 11.26
C ASP A 160 25.41 -1.44 10.69
N ASP A 161 25.25 -1.36 9.36
CA ASP A 161 24.99 -0.09 8.71
C ASP A 161 23.74 0.55 9.30
N LEU A 162 22.68 -0.25 9.50
CA LEU A 162 21.42 0.26 10.02
C LEU A 162 21.58 0.70 11.48
N LEU A 163 22.34 -0.08 12.27
CA LEU A 163 22.56 0.26 13.66
C LEU A 163 23.25 1.62 13.75
N ARG A 164 24.23 1.85 12.88
CA ARG A 164 24.97 3.11 12.85
C ARG A 164 24.05 4.25 12.46
N GLN A 165 23.14 4.01 11.50
CA GLN A 165 22.28 5.09 11.03
C GLN A 165 21.29 5.45 12.13
N VAL A 166 20.68 4.43 12.75
CA VAL A 166 19.69 4.65 13.78
C VAL A 166 20.34 5.41 14.94
N ALA A 167 21.58 5.03 15.28
CA ALA A 167 22.25 5.68 16.40
C ALA A 167 22.52 7.15 16.09
N SER A 168 22.88 7.44 14.84
CA SER A 168 23.21 8.79 14.42
C SER A 168 21.98 9.68 14.27
N TYR A 169 20.90 9.15 13.68
CA TYR A 169 19.79 9.98 13.22
C TYR A 169 18.74 10.19 14.31
N GLY A 170 18.60 9.18 15.19
CA GLY A 170 17.52 9.19 16.16
C GLY A 170 17.87 10.01 17.40
N ARG A 171 16.84 10.33 18.19
CA ARG A 171 17.02 11.00 19.47
C ARG A 171 15.91 10.52 20.40
N GLY A 172 16.04 10.82 21.69
CA GLY A 172 14.98 10.54 22.63
C GLY A 172 15.07 9.09 23.13
N TYR A 173 14.61 8.15 22.30
CA TYR A 173 14.82 6.73 22.54
C TYR A 173 14.95 6.01 21.20
N THR A 174 15.54 4.82 21.19
CA THR A 174 15.57 3.95 20.04
C THR A 174 14.48 2.90 20.25
N TYR A 175 13.70 2.64 19.20
CA TYR A 175 12.61 1.68 19.29
C TYR A 175 13.16 0.32 18.92
N LEU A 176 13.25 -0.58 19.91
CA LEU A 176 13.77 -1.91 19.67
C LEU A 176 12.61 -2.87 19.43
N LEU A 177 12.45 -3.25 18.18
CA LEU A 177 11.34 -4.06 17.73
C LEU A 177 11.56 -5.51 18.17
N SER A 178 10.55 -6.10 18.82
CA SER A 178 10.71 -7.40 19.46
C SER A 178 10.59 -8.52 18.43
N ARG A 179 9.87 -8.28 17.33
CA ARG A 179 9.61 -9.30 16.33
C ARG A 179 9.14 -8.65 15.03
N SER A 180 9.07 -9.44 13.97
CA SER A 180 8.43 -9.04 12.73
C SER A 180 6.90 -9.02 12.93
N GLY A 181 6.20 -8.54 11.91
CA GLY A 181 4.75 -8.50 12.01
C GLY A 181 4.21 -7.13 12.41
N VAL A 182 2.95 -7.11 12.80
CA VAL A 182 2.24 -5.89 13.14
C VAL A 182 1.92 -5.92 14.63
N THR A 183 1.44 -4.80 15.17
CA THR A 183 1.16 -4.70 16.59
C THR A 183 0.15 -5.78 16.98
N GLY A 184 0.28 -6.29 18.23
CA GLY A 184 -0.68 -7.25 18.74
C GLY A 184 -0.17 -7.97 19.99
N ALA A 185 -1.09 -8.11 20.96
CA ALA A 185 -0.75 -8.63 22.28
C ALA A 185 -0.57 -10.14 22.24
N GLU A 186 -1.26 -10.83 21.33
CA GLU A 186 -1.30 -12.28 21.34
C GLU A 186 -0.03 -12.88 20.76
N ASN A 187 0.65 -12.10 19.91
CA ASN A 187 1.87 -12.50 19.23
C ASN A 187 3.05 -11.97 20.04
N ARG A 188 3.66 -12.82 20.88
CA ARG A 188 4.49 -12.32 21.96
C ARG A 188 5.84 -11.79 21.48
N GLY A 189 6.58 -12.61 20.72
CA GLY A 189 7.86 -12.16 20.19
C GLY A 189 9.02 -12.59 21.09
N ALA A 190 10.15 -11.90 20.97
CA ALA A 190 11.38 -12.40 21.57
C ALA A 190 11.96 -11.43 22.60
N LEU A 191 12.94 -11.93 23.36
CA LEU A 191 13.74 -11.15 24.29
C LEU A 191 14.57 -10.15 23.50
N PRO A 192 14.94 -8.99 24.09
CA PRO A 192 15.83 -8.04 23.41
C PRO A 192 17.11 -8.78 23.02
N LEU A 193 17.36 -8.84 21.71
CA LEU A 193 18.63 -9.33 21.22
C LEU A 193 19.72 -8.53 21.92
N HIS A 194 20.49 -9.23 22.75
CA HIS A 194 21.50 -8.60 23.58
C HIS A 194 22.53 -7.90 22.68
N HIS A 195 22.81 -8.50 21.52
CA HIS A 195 23.82 -7.97 20.61
C HIS A 195 23.38 -6.61 20.05
N LEU A 196 22.08 -6.44 19.80
CA LEU A 196 21.57 -5.16 19.31
C LEU A 196 21.65 -4.11 20.42
N ILE A 197 21.24 -4.49 21.64
CA ILE A 197 21.28 -3.59 22.79
C ILE A 197 22.70 -3.09 22.99
N GLU A 198 23.67 -4.01 22.91
CA GLU A 198 25.06 -3.67 23.19
C GLU A 198 25.67 -2.84 22.06
N LYS A 199 25.28 -3.12 20.80
CA LYS A 199 25.77 -2.35 19.67
C LYS A 199 25.22 -0.92 19.71
N LEU A 200 23.96 -0.77 20.12
CA LEU A 200 23.38 0.57 20.15
C LEU A 200 24.10 1.40 21.20
N LYS A 201 24.47 0.76 22.31
CA LYS A 201 25.20 1.42 23.38
C LYS A 201 26.58 1.85 22.88
N GLU A 202 27.23 0.96 22.10
CA GLU A 202 28.55 1.20 21.54
C GLU A 202 28.54 2.44 20.66
N TYR A 203 27.43 2.63 19.93
CA TYR A 203 27.31 3.70 18.96
C TYR A 203 26.63 4.94 19.54
N HIS A 204 26.41 4.95 20.87
CA HIS A 204 25.88 6.10 21.59
C HIS A 204 24.47 6.44 21.12
N ALA A 205 23.68 5.39 20.82
CA ALA A 205 22.30 5.59 20.42
C ALA A 205 21.48 6.06 21.62
N ALA A 206 20.33 6.71 21.34
CA ALA A 206 19.35 7.01 22.37
C ALA A 206 18.94 5.70 23.06
N PRO A 207 18.57 5.72 24.36
CA PRO A 207 18.28 4.47 25.11
C PRO A 207 17.17 3.65 24.46
N ALA A 208 17.26 2.31 24.53
CA ALA A 208 16.34 1.44 23.80
C ALA A 208 15.09 1.13 24.62
N LEU A 209 13.92 1.28 23.97
CA LEU A 209 12.68 0.76 24.51
C LEU A 209 12.21 -0.39 23.63
N GLN A 210 11.88 -1.53 24.25
CA GLN A 210 11.40 -2.68 23.49
C GLN A 210 9.89 -2.60 23.28
N GLY A 211 9.43 -2.84 22.05
CA GLY A 211 7.99 -2.87 21.79
C GLY A 211 7.58 -3.91 20.76
N PHE A 212 6.27 -4.19 20.73
CA PHE A 212 5.53 -5.19 19.94
C PHE A 212 5.36 -6.46 20.77
N GLY A 213 4.11 -6.77 21.09
CA GLY A 213 3.79 -8.02 21.76
C GLY A 213 4.15 -8.05 23.25
N ILE A 214 4.49 -6.91 23.85
CA ILE A 214 4.79 -6.88 25.29
C ILE A 214 3.46 -6.69 26.02
N SER A 215 3.00 -7.73 26.72
CA SER A 215 1.65 -7.75 27.24
C SER A 215 1.59 -8.18 28.71
N SER A 216 2.75 -8.52 29.30
CA SER A 216 2.77 -9.07 30.65
C SER A 216 3.95 -8.50 31.44
N PRO A 217 3.83 -8.37 32.78
CA PRO A 217 4.93 -7.91 33.62
C PRO A 217 6.22 -8.70 33.43
N GLU A 218 6.11 -10.02 33.24
CA GLU A 218 7.26 -10.89 33.03
C GLU A 218 8.09 -10.39 31.85
N GLN A 219 7.42 -9.97 30.77
CA GLN A 219 8.12 -9.52 29.57
C GLN A 219 8.80 -8.18 29.80
N VAL A 220 8.18 -7.34 30.63
CA VAL A 220 8.79 -6.06 30.98
C VAL A 220 10.08 -6.29 31.76
N SER A 221 10.03 -7.15 32.78
CA SER A 221 11.21 -7.51 33.56
C SER A 221 12.32 -8.05 32.67
N ALA A 222 11.96 -8.95 31.75
CA ALA A 222 12.92 -9.57 30.85
C ALA A 222 13.60 -8.53 29.96
N ALA A 223 12.85 -7.51 29.53
CA ALA A 223 13.40 -6.47 28.68
C ALA A 223 14.49 -5.69 29.44
N VAL A 224 14.19 -5.30 30.68
CA VAL A 224 15.12 -4.52 31.47
C VAL A 224 16.34 -5.37 31.84
N ARG A 225 16.10 -6.63 32.24
N ARG A 225 16.07 -6.64 32.17
CA ARG A 225 17.19 -7.52 32.59
CA ARG A 225 17.05 -7.65 32.57
C ARG A 225 18.15 -7.67 31.41
C ARG A 225 18.03 -7.93 31.43
N ALA A 226 17.60 -7.66 30.19
CA ALA A 226 18.41 -7.84 28.99
C ALA A 226 19.18 -6.59 28.62
N GLY A 227 18.90 -5.47 29.30
CA GLY A 227 19.69 -4.25 29.13
C GLY A 227 18.95 -3.13 28.39
N ALA A 228 17.68 -3.36 28.07
CA ALA A 228 16.86 -2.30 27.49
C ALA A 228 16.53 -1.28 28.59
N ALA A 229 16.29 -0.02 28.18
CA ALA A 229 15.99 1.03 29.14
C ALA A 229 14.52 0.96 29.57
N GLY A 230 13.71 0.17 28.84
CA GLY A 230 12.31 0.01 29.21
C GLY A 230 11.51 -0.72 28.14
N ALA A 231 10.17 -0.65 28.27
CA ALA A 231 9.28 -1.36 27.36
C ALA A 231 8.02 -0.56 27.09
N ILE A 232 7.48 -0.77 25.88
CA ILE A 232 6.22 -0.18 25.42
C ILE A 232 5.18 -1.30 25.29
N SER A 233 3.95 -1.01 25.75
CA SER A 233 2.81 -1.89 25.61
C SER A 233 1.63 -1.09 25.05
N GLY A 234 1.05 -1.57 23.95
CA GLY A 234 -0.09 -0.91 23.33
C GLY A 234 -1.34 -1.80 23.35
N SER A 235 -1.33 -2.87 22.54
CA SER A 235 -2.50 -3.71 22.37
C SER A 235 -3.06 -4.20 23.71
N ALA A 236 -2.18 -4.59 24.65
CA ALA A 236 -2.66 -5.06 25.95
C ALA A 236 -3.49 -3.99 26.67
N ILE A 237 -3.09 -2.72 26.55
CA ILE A 237 -3.78 -1.61 27.17
C ILE A 237 -5.12 -1.39 26.45
N VAL A 238 -5.05 -1.35 25.11
CA VAL A 238 -6.21 -1.08 24.26
C VAL A 238 -7.26 -2.17 24.44
N LYS A 239 -6.82 -3.42 24.64
CA LYS A 239 -7.76 -4.50 24.90
C LYS A 239 -8.59 -4.23 26.15
N ILE A 240 -8.01 -3.55 27.14
CA ILE A 240 -8.75 -3.26 28.36
C ILE A 240 -9.80 -2.20 28.06
N ILE A 241 -9.48 -1.27 27.16
CA ILE A 241 -10.46 -0.28 26.74
C ILE A 241 -11.61 -1.02 26.04
N GLU A 242 -11.27 -1.84 25.04
CA GLU A 242 -12.24 -2.51 24.18
C GLU A 242 -13.21 -3.33 25.03
N LYS A 243 -12.67 -4.00 26.05
CA LYS A 243 -13.42 -4.95 26.87
C LYS A 243 -14.43 -4.22 27.76
N ASN A 244 -14.17 -2.94 28.05
CA ASN A 244 -14.88 -2.26 29.12
C ASN A 244 -15.63 -1.04 28.58
N LEU A 245 -15.96 -1.05 27.29
CA LEU A 245 -16.58 0.10 26.65
C LEU A 245 -17.86 0.50 27.39
N ALA A 246 -18.56 -0.51 27.94
CA ALA A 246 -19.87 -0.30 28.54
C ALA A 246 -19.77 0.08 30.01
N SER A 247 -18.57 -0.02 30.59
CA SER A 247 -18.37 0.35 31.98
C SER A 247 -17.07 1.15 32.14
N PRO A 248 -17.11 2.48 31.87
CA PRO A 248 -15.90 3.31 31.89
C PRO A 248 -15.18 3.40 33.24
N LYS A 249 -15.91 3.14 34.33
CA LYS A 249 -15.36 3.11 35.68
C LYS A 249 -14.45 1.89 35.84
N GLN A 250 -14.96 0.72 35.42
CA GLN A 250 -14.24 -0.54 35.51
C GLN A 250 -13.06 -0.51 34.55
N MET A 251 -13.23 0.22 33.44
CA MET A 251 -12.16 0.41 32.48
C MET A 251 -10.95 1.02 33.18
N LEU A 252 -11.18 2.12 33.91
CA LEU A 252 -10.10 2.86 34.54
C LEU A 252 -9.45 2.06 35.66
N ALA A 253 -10.28 1.34 36.44
CA ALA A 253 -9.78 0.51 37.52
C ALA A 253 -8.86 -0.58 36.97
N GLU A 254 -9.23 -1.18 35.83
CA GLU A 254 -8.48 -2.28 35.26
C GLU A 254 -7.19 -1.76 34.64
N LEU A 255 -7.28 -0.58 33.99
CA LEU A 255 -6.10 0.06 33.43
C LEU A 255 -5.11 0.38 34.55
N ARG A 256 -5.62 0.89 35.68
CA ARG A 256 -4.76 1.28 36.79
C ARG A 256 -4.00 0.07 37.32
N SER A 257 -4.72 -1.04 37.53
N SER A 257 -4.72 -1.04 37.55
CA SER A 257 -4.17 -2.27 38.07
CA SER A 257 -4.14 -2.26 38.07
C SER A 257 -3.11 -2.84 37.15
C SER A 257 -3.06 -2.80 37.13
N PHE A 258 -3.41 -2.89 35.85
CA PHE A 258 -2.48 -3.40 34.84
C PHE A 258 -1.23 -2.52 34.76
N VAL A 259 -1.41 -1.19 34.65
CA VAL A 259 -0.27 -0.32 34.47
C VAL A 259 0.61 -0.37 35.72
N SER A 260 -0.03 -0.41 36.90
CA SER A 260 0.71 -0.51 38.16
C SER A 260 1.64 -1.72 38.13
N ALA A 261 1.12 -2.86 37.67
CA ALA A 261 1.86 -4.12 37.68
C ALA A 261 3.00 -4.08 36.65
N MET A 262 2.70 -3.51 35.48
CA MET A 262 3.69 -3.39 34.43
C MET A 262 4.84 -2.50 34.90
N LYS A 263 4.50 -1.40 35.60
CA LYS A 263 5.53 -0.48 36.09
C LYS A 263 6.36 -1.15 37.18
N ALA A 264 5.70 -1.87 38.11
CA ALA A 264 6.42 -2.60 39.16
C ALA A 264 7.48 -3.51 38.54
N ALA A 265 7.13 -4.17 37.44
CA ALA A 265 8.00 -5.12 36.76
C ALA A 265 9.24 -4.43 36.19
N SER A 266 9.14 -3.11 35.96
CA SER A 266 10.24 -2.37 35.39
C SER A 266 11.28 -2.02 36.46
N ARG A 267 10.98 -2.33 37.73
CA ARG A 267 11.87 -2.01 38.84
C ARG A 267 12.76 -3.20 39.16
N ALA A 268 12.48 -4.34 38.50
CA ALA A 268 13.15 -5.61 38.72
C ALA A 268 14.61 -5.54 38.27
N THR B 2 20.41 2.61 0.50
CA THR B 2 21.07 2.38 -0.81
C THR B 2 20.28 1.34 -1.61
N THR B 3 20.04 1.65 -2.87
CA THR B 3 19.44 0.72 -3.80
C THR B 3 20.31 0.63 -5.04
N LEU B 4 20.08 -0.42 -5.85
CA LEU B 4 20.76 -0.61 -7.13
C LEU B 4 20.14 0.25 -8.23
N LEU B 5 18.81 0.44 -8.15
CA LEU B 5 18.06 1.16 -9.18
C LEU B 5 17.39 2.38 -8.55
N ASN B 6 17.02 3.35 -9.39
CA ASN B 6 16.39 4.57 -8.90
C ASN B 6 14.97 4.26 -8.41
N PRO B 7 14.64 4.51 -7.12
CA PRO B 7 13.30 4.25 -6.61
C PRO B 7 12.24 5.28 -7.02
N TYR B 8 12.68 6.39 -7.64
CA TYR B 8 11.79 7.51 -7.92
C TYR B 8 11.64 7.74 -9.42
N PHE B 9 10.47 8.32 -9.75
CA PHE B 9 10.15 8.89 -11.06
C PHE B 9 9.83 10.36 -10.82
N GLY B 10 10.83 11.22 -11.00
CA GLY B 10 10.68 12.58 -10.49
C GLY B 10 10.45 12.57 -8.99
N GLU B 11 9.39 13.25 -8.52
CA GLU B 11 9.01 13.33 -7.11
C GLU B 11 8.39 12.01 -6.60
N PHE B 12 7.94 11.17 -7.52
CA PHE B 12 7.00 10.11 -7.14
C PHE B 12 7.72 8.76 -6.97
N GLY B 13 7.18 7.98 -6.05
CA GLY B 13 7.69 6.61 -5.83
C GLY B 13 8.28 6.44 -4.42
N GLY B 14 9.48 5.85 -4.35
CA GLY B 14 10.13 5.66 -3.07
C GLY B 14 9.79 4.30 -2.43
N MET B 15 10.19 4.18 -1.14
CA MET B 15 10.03 2.96 -0.36
C MET B 15 9.54 3.29 1.04
N TYR B 16 8.25 3.65 1.14
CA TYR B 16 7.64 4.10 2.36
C TYR B 16 6.97 2.94 3.07
N VAL B 17 7.81 2.02 3.56
CA VAL B 17 7.35 0.84 4.30
C VAL B 17 7.97 0.88 5.70
N PRO B 18 7.38 0.16 6.68
CA PRO B 18 8.07 -0.03 7.96
C PRO B 18 9.47 -0.59 7.74
N GLN B 19 10.39 -0.17 8.63
CA GLN B 19 11.79 -0.54 8.54
C GLN B 19 11.98 -2.06 8.40
N ILE B 20 11.12 -2.85 9.06
CA ILE B 20 11.23 -4.30 9.07
C ILE B 20 11.30 -4.86 7.64
N LEU B 21 10.66 -4.17 6.68
CA LEU B 21 10.48 -4.72 5.34
C LEU B 21 11.59 -4.30 4.37
N MET B 22 12.47 -3.40 4.79
CA MET B 22 13.47 -2.89 3.86
C MET B 22 14.38 -3.99 3.33
N PRO B 23 14.89 -4.92 4.16
CA PRO B 23 15.71 -6.01 3.63
C PRO B 23 15.02 -6.85 2.56
N ALA B 24 13.72 -7.11 2.75
CA ALA B 24 12.94 -7.87 1.77
C ALA B 24 12.90 -7.14 0.43
N LEU B 25 12.71 -5.82 0.47
CA LEU B 25 12.63 -5.07 -0.78
C LEU B 25 14.00 -5.03 -1.43
N ASN B 26 15.06 -4.89 -0.63
CA ASN B 26 16.39 -4.87 -1.19
C ASN B 26 16.76 -6.24 -1.80
N GLN B 27 16.33 -7.33 -1.14
CA GLN B 27 16.60 -8.68 -1.64
C GLN B 27 15.89 -8.88 -2.98
N LEU B 28 14.63 -8.39 -3.07
CA LEU B 28 13.86 -8.54 -4.29
C LEU B 28 14.51 -7.74 -5.42
N GLU B 29 14.95 -6.51 -5.10
CA GLU B 29 15.63 -5.70 -6.11
C GLU B 29 16.87 -6.41 -6.64
N GLU B 30 17.69 -6.95 -5.73
CA GLU B 30 18.94 -7.60 -6.13
C GLU B 30 18.65 -8.83 -7.00
N ALA B 31 17.64 -9.61 -6.62
CA ALA B 31 17.29 -10.82 -7.36
C ALA B 31 16.79 -10.44 -8.76
N PHE B 32 16.00 -9.35 -8.87
CA PHE B 32 15.51 -8.88 -10.16
C PHE B 32 16.67 -8.44 -11.04
N VAL B 33 17.60 -7.64 -10.50
CA VAL B 33 18.72 -7.18 -11.30
C VAL B 33 19.54 -8.38 -11.80
N SER B 34 19.75 -9.36 -10.92
CA SER B 34 20.49 -10.57 -11.29
C SER B 34 19.76 -11.32 -12.39
N ALA B 35 18.45 -11.50 -12.23
CA ALA B 35 17.66 -12.30 -13.15
C ALA B 35 17.62 -11.66 -14.53
N GLN B 36 17.61 -10.31 -14.57
CA GLN B 36 17.49 -9.60 -15.83
C GLN B 36 18.74 -9.81 -16.69
N LYS B 37 19.86 -10.19 -16.06
CA LYS B 37 21.13 -10.45 -16.72
C LYS B 37 21.32 -11.96 -16.97
N ASP B 38 20.39 -12.79 -16.48
CA ASP B 38 20.60 -14.23 -16.48
C ASP B 38 19.90 -14.84 -17.70
N PRO B 39 20.66 -15.30 -18.73
CA PRO B 39 20.02 -15.87 -19.91
C PRO B 39 19.13 -17.08 -19.62
N GLU B 40 19.46 -17.85 -18.58
CA GLU B 40 18.65 -19.01 -18.25
C GLU B 40 17.30 -18.59 -17.68
N PHE B 41 17.30 -17.52 -16.87
CA PHE B 41 16.05 -16.99 -16.34
C PHE B 41 15.18 -16.48 -17.49
N GLN B 42 15.83 -15.72 -18.38
CA GLN B 42 15.12 -15.12 -19.50
C GLN B 42 14.50 -16.20 -20.37
N ALA B 43 15.23 -17.30 -20.59
CA ALA B 43 14.74 -18.37 -21.44
C ALA B 43 13.56 -19.09 -20.79
N GLN B 44 13.63 -19.29 -19.47
N GLN B 44 13.60 -19.27 -19.46
CA GLN B 44 12.55 -19.92 -18.73
CA GLN B 44 12.52 -19.93 -18.74
C GLN B 44 11.29 -19.04 -18.83
C GLN B 44 11.27 -19.05 -18.76
N PHE B 45 11.46 -17.73 -18.59
CA PHE B 45 10.35 -16.78 -18.63
C PHE B 45 9.73 -16.74 -20.02
N ALA B 46 10.56 -16.65 -21.06
CA ALA B 46 10.07 -16.64 -22.43
C ALA B 46 9.30 -17.92 -22.75
N ASP B 47 9.82 -19.05 -22.27
CA ASP B 47 9.18 -20.32 -22.58
C ASP B 47 7.78 -20.38 -21.97
N LEU B 48 7.65 -19.93 -20.71
CA LEU B 48 6.35 -19.90 -20.07
C LEU B 48 5.42 -18.96 -20.82
N LEU B 49 5.92 -17.78 -21.19
CA LEU B 49 5.04 -16.83 -21.86
C LEU B 49 4.52 -17.41 -23.16
N LYS B 50 5.38 -18.06 -23.94
CA LYS B 50 4.97 -18.58 -25.24
C LYS B 50 4.12 -19.84 -25.09
N ASN B 51 4.62 -20.85 -24.36
CA ASN B 51 4.09 -22.20 -24.48
C ASN B 51 3.01 -22.47 -23.44
N TYR B 52 2.99 -21.66 -22.37
CA TYR B 52 2.02 -21.84 -21.30
C TYR B 52 0.94 -20.74 -21.38
N ALA B 53 1.38 -19.48 -21.48
CA ALA B 53 0.45 -18.34 -21.47
C ALA B 53 -0.18 -18.04 -22.83
N GLY B 54 0.56 -18.33 -23.91
CA GLY B 54 0.05 -18.19 -25.27
C GLY B 54 0.45 -16.89 -25.96
N ARG B 55 1.59 -16.28 -25.58
CA ARG B 55 2.09 -15.11 -26.27
C ARG B 55 2.77 -15.50 -27.58
N PRO B 56 2.83 -14.64 -28.62
CA PRO B 56 2.27 -13.28 -28.56
C PRO B 56 0.75 -13.27 -28.75
N THR B 57 0.12 -12.23 -28.20
CA THR B 57 -1.31 -12.11 -28.33
C THR B 57 -1.65 -11.36 -29.61
N ALA B 58 -2.84 -11.65 -30.14
CA ALA B 58 -3.32 -11.01 -31.37
C ALA B 58 -3.46 -9.49 -31.26
N LEU B 59 -3.39 -8.85 -32.43
CA LEU B 59 -3.78 -7.45 -32.54
C LEU B 59 -4.92 -7.42 -33.56
N THR B 60 -6.12 -7.10 -33.08
CA THR B 60 -7.32 -7.28 -33.90
C THR B 60 -7.81 -5.92 -34.45
N LYS B 61 -8.05 -5.85 -35.76
CA LYS B 61 -8.58 -4.59 -36.31
C LYS B 61 -10.10 -4.63 -36.17
N CYS B 62 -10.69 -3.61 -35.56
N CYS B 62 -10.66 -3.57 -35.60
CA CYS B 62 -12.14 -3.67 -35.40
CA CYS B 62 -12.10 -3.46 -35.55
C CYS B 62 -12.83 -2.64 -36.27
C CYS B 62 -12.57 -3.05 -36.93
N GLN B 63 -13.27 -3.18 -37.39
N GLN B 63 -13.64 -3.68 -37.41
CA GLN B 63 -13.88 -2.43 -38.46
CA GLN B 63 -14.16 -3.16 -38.66
C GLN B 63 -15.36 -2.73 -38.55
C GLN B 63 -15.46 -2.38 -38.41
N ASN B 64 -16.09 -2.84 -37.45
N ASN B 64 -16.36 -3.03 -37.67
CA ASN B 64 -17.50 -2.52 -37.56
CA ASN B 64 -17.73 -2.51 -37.58
C ASN B 64 -17.75 -1.25 -36.78
C ASN B 64 -17.79 -1.22 -36.76
N ILE B 65 -17.06 -1.13 -35.64
CA ILE B 65 -17.36 -0.06 -34.70
C ILE B 65 -16.80 1.29 -35.17
N THR B 66 -15.92 1.30 -36.17
CA THR B 66 -15.39 2.57 -36.66
C THR B 66 -16.02 2.96 -38.01
N ALA B 67 -17.04 2.22 -38.45
CA ALA B 67 -17.67 2.48 -39.75
C ALA B 67 -18.14 3.93 -39.85
N GLY B 68 -17.83 4.57 -40.99
CA GLY B 68 -18.31 5.91 -41.29
C GLY B 68 -17.43 7.03 -40.72
N THR B 69 -16.32 6.66 -40.08
CA THR B 69 -15.39 7.61 -39.50
C THR B 69 -14.03 7.44 -40.14
N ARG B 70 -13.09 8.33 -39.80
N ARG B 70 -13.09 8.33 -39.81
CA ARG B 70 -11.72 8.23 -40.28
CA ARG B 70 -11.72 8.23 -40.28
C ARG B 70 -10.81 7.63 -39.21
C ARG B 70 -10.80 7.62 -39.21
N THR B 71 -11.40 6.97 -38.21
CA THR B 71 -10.61 6.28 -37.17
C THR B 71 -10.36 4.84 -37.60
N THR B 72 -9.10 4.40 -37.46
CA THR B 72 -8.79 2.98 -37.57
C THR B 72 -8.42 2.51 -36.15
N LEU B 73 -9.12 1.48 -35.67
CA LEU B 73 -8.93 1.02 -34.29
C LEU B 73 -8.47 -0.43 -34.26
N TYR B 74 -7.36 -0.67 -33.54
CA TYR B 74 -6.91 -2.03 -33.24
C TYR B 74 -7.04 -2.29 -31.75
N LEU B 75 -7.30 -3.56 -31.43
CA LEU B 75 -7.34 -4.01 -30.04
C LEU B 75 -6.19 -4.98 -29.76
N LYS B 76 -5.36 -4.63 -28.76
CA LYS B 76 -4.32 -5.57 -28.35
C LYS B 76 -4.93 -6.60 -27.40
N ARG B 77 -4.89 -7.89 -27.80
CA ARG B 77 -5.79 -8.88 -27.22
C ARG B 77 -5.19 -9.58 -25.99
N GLU B 78 -4.96 -8.85 -24.90
CA GLU B 78 -4.51 -9.49 -23.67
C GLU B 78 -5.60 -10.36 -23.05
N ASP B 79 -6.86 -10.19 -23.50
CA ASP B 79 -7.98 -11.02 -23.07
C ASP B 79 -7.78 -12.47 -23.51
N LEU B 80 -6.88 -12.70 -24.48
CA LEU B 80 -6.64 -14.06 -24.98
C LEU B 80 -5.51 -14.78 -24.20
N LEU B 81 -4.87 -14.08 -23.28
CA LEU B 81 -3.80 -14.70 -22.50
C LEU B 81 -4.42 -15.73 -21.55
N HIS B 82 -3.65 -16.79 -21.26
CA HIS B 82 -4.10 -17.77 -20.27
C HIS B 82 -4.43 -17.06 -18.95
N GLY B 83 -5.60 -17.38 -18.39
CA GLY B 83 -6.12 -16.74 -17.19
C GLY B 83 -7.13 -15.64 -17.52
N GLY B 84 -7.01 -15.02 -18.71
CA GLY B 84 -8.00 -14.08 -19.22
C GLY B 84 -7.64 -12.62 -19.03
N ALA B 85 -6.39 -12.29 -18.65
CA ALA B 85 -5.96 -10.90 -18.54
C ALA B 85 -4.44 -10.76 -18.60
N HIS B 86 -3.95 -9.54 -18.79
CA HIS B 86 -2.54 -9.21 -18.85
C HIS B 86 -1.83 -9.61 -17.53
N LYS B 87 -2.60 -9.75 -16.44
CA LYS B 87 -1.99 -10.01 -15.12
C LYS B 87 -1.06 -11.23 -15.16
N THR B 88 -1.38 -12.19 -16.01
CA THR B 88 -0.63 -13.43 -16.11
C THR B 88 0.84 -13.17 -16.47
N ASN B 89 1.13 -12.15 -17.30
CA ASN B 89 2.49 -11.95 -17.79
C ASN B 89 3.46 -11.78 -16.62
N GLN B 90 3.16 -10.84 -15.73
CA GLN B 90 4.19 -10.47 -14.77
C GLN B 90 4.18 -11.43 -13.58
N VAL B 91 3.05 -12.09 -13.32
CA VAL B 91 3.00 -13.10 -12.27
C VAL B 91 3.94 -14.26 -12.60
N LEU B 92 4.07 -14.64 -13.88
CA LEU B 92 5.01 -15.70 -14.23
C LEU B 92 6.44 -15.29 -13.92
N GLY B 93 6.80 -14.03 -14.21
CA GLY B 93 8.11 -13.52 -13.90
C GLY B 93 8.35 -13.42 -12.39
N GLN B 94 7.37 -12.91 -11.63
CA GLN B 94 7.56 -12.75 -10.19
C GLN B 94 7.59 -14.12 -9.51
N ALA B 95 6.83 -15.08 -10.02
CA ALA B 95 6.86 -16.43 -9.43
C ALA B 95 8.25 -17.04 -9.61
N LEU B 96 8.87 -16.81 -10.77
CA LEU B 96 10.23 -17.30 -10.98
C LEU B 96 11.20 -16.58 -10.06
N LEU B 97 11.00 -15.29 -9.81
CA LEU B 97 11.84 -14.57 -8.85
C LEU B 97 11.66 -15.16 -7.45
N ALA B 98 10.41 -15.46 -7.06
CA ALA B 98 10.18 -16.06 -5.74
C ALA B 98 10.99 -17.34 -5.58
N LYS B 99 10.96 -18.20 -6.60
CA LYS B 99 11.70 -19.46 -6.53
C LYS B 99 13.20 -19.17 -6.44
N ARG B 100 13.69 -18.18 -7.21
CA ARG B 100 15.09 -17.76 -7.25
C ARG B 100 15.57 -17.37 -5.85
N MET B 101 14.67 -16.77 -5.06
CA MET B 101 14.96 -16.26 -3.73
C MET B 101 14.72 -17.34 -2.67
N GLY B 102 14.24 -18.51 -3.08
CA GLY B 102 14.08 -19.63 -2.17
C GLY B 102 12.80 -19.52 -1.34
N LYS B 103 11.77 -18.85 -1.85
N LYS B 103 11.84 -18.75 -1.84
CA LYS B 103 10.50 -18.70 -1.15
CA LYS B 103 10.54 -18.62 -1.20
C LYS B 103 9.55 -19.83 -1.57
C LYS B 103 9.63 -19.73 -1.74
N SER B 104 8.67 -20.27 -0.65
N SER B 104 8.74 -20.24 -0.88
CA SER B 104 7.80 -21.41 -0.87
CA SER B 104 7.82 -21.32 -1.21
C SER B 104 6.34 -20.97 -0.89
C SER B 104 6.36 -20.94 -0.96
N GLU B 105 6.12 -19.69 -0.54
CA GLU B 105 4.77 -19.21 -0.31
C GLU B 105 4.59 -17.88 -1.04
N ILE B 106 3.36 -17.62 -1.51
CA ILE B 106 2.97 -16.36 -2.17
C ILE B 106 1.83 -15.71 -1.40
N ILE B 107 1.93 -14.37 -1.25
CA ILE B 107 0.81 -13.55 -0.81
C ILE B 107 0.43 -12.65 -1.99
N ALA B 108 -0.87 -12.56 -2.29
CA ALA B 108 -1.31 -11.59 -3.29
C ALA B 108 -2.60 -10.92 -2.82
N GLU B 109 -2.83 -9.71 -3.33
CA GLU B 109 -4.12 -9.02 -3.24
C GLU B 109 -4.82 -9.16 -4.59
N THR B 110 -6.16 -9.07 -4.60
CA THR B 110 -6.87 -8.99 -5.87
C THR B 110 -8.17 -8.20 -5.69
N GLY B 111 -8.61 -7.58 -6.80
CA GLY B 111 -9.85 -6.83 -6.85
C GLY B 111 -10.80 -7.42 -7.88
N ALA B 112 -10.38 -7.39 -9.15
CA ALA B 112 -11.14 -8.03 -10.20
C ALA B 112 -11.04 -9.56 -10.10
N GLY B 113 -10.05 -10.05 -9.34
CA GLY B 113 -9.81 -11.49 -9.20
C GLY B 113 -8.91 -12.02 -10.32
N GLN B 114 -8.51 -11.18 -11.27
CA GLN B 114 -7.62 -11.62 -12.34
C GLN B 114 -6.19 -11.81 -11.86
N HIS B 115 -5.72 -10.90 -11.00
CA HIS B 115 -4.41 -11.06 -10.40
C HIS B 115 -4.42 -12.27 -9.47
N GLY B 116 -5.52 -12.46 -8.74
CA GLY B 116 -5.64 -13.62 -7.89
C GLY B 116 -5.58 -14.90 -8.72
N VAL B 117 -6.30 -14.95 -9.84
CA VAL B 117 -6.32 -16.15 -10.66
C VAL B 117 -4.92 -16.38 -11.23
N ALA B 118 -4.25 -15.32 -11.68
CA ALA B 118 -2.89 -15.44 -12.22
C ALA B 118 -1.95 -15.95 -11.13
N SER B 119 -2.05 -15.39 -9.92
CA SER B 119 -1.21 -15.83 -8.80
C SER B 119 -1.46 -17.31 -8.51
N ALA B 120 -2.74 -17.72 -8.48
CA ALA B 120 -3.10 -19.10 -8.17
C ALA B 120 -2.58 -20.05 -9.24
N LEU B 121 -2.76 -19.70 -10.52
CA LEU B 121 -2.35 -20.60 -11.59
C LEU B 121 -0.83 -20.76 -11.60
N ALA B 122 -0.09 -19.66 -11.39
CA ALA B 122 1.37 -19.70 -11.40
C ALA B 122 1.88 -20.52 -10.21
N SER B 123 1.20 -20.39 -9.08
CA SER B 123 1.58 -21.13 -7.88
C SER B 123 1.33 -22.63 -8.07
N ALA B 124 0.22 -22.98 -8.76
CA ALA B 124 -0.09 -24.38 -9.04
C ALA B 124 0.99 -24.97 -9.95
N LEU B 125 1.37 -24.24 -11.00
CA LEU B 125 2.35 -24.67 -11.98
C LEU B 125 3.73 -24.82 -11.34
N LEU B 126 4.13 -23.85 -10.52
CA LEU B 126 5.53 -23.76 -10.12
C LEU B 126 5.77 -24.27 -8.70
N GLY B 127 4.71 -24.73 -8.02
CA GLY B 127 4.84 -25.42 -6.74
C GLY B 127 4.98 -24.48 -5.54
N LEU B 128 4.16 -23.42 -5.50
CA LEU B 128 4.11 -22.47 -4.40
C LEU B 128 2.76 -22.54 -3.70
N LYS B 129 2.75 -22.24 -2.38
CA LYS B 129 1.53 -22.16 -1.60
C LYS B 129 1.01 -20.71 -1.63
N CYS B 130 -0.22 -20.53 -2.11
CA CYS B 130 -0.70 -19.20 -2.47
C CYS B 130 -1.86 -18.81 -1.56
N ARG B 131 -1.77 -17.62 -0.94
CA ARG B 131 -2.91 -17.06 -0.23
C ARG B 131 -3.24 -15.68 -0.78
N ILE B 132 -4.54 -15.45 -0.98
CA ILE B 132 -4.98 -14.26 -1.72
C ILE B 132 -5.99 -13.50 -0.86
N TYR B 133 -5.75 -12.21 -0.67
CA TYR B 133 -6.69 -11.34 0.03
C TYR B 133 -7.59 -10.64 -1.00
N MET B 134 -8.88 -10.61 -0.68
CA MET B 134 -9.84 -10.00 -1.61
C MET B 134 -10.94 -9.34 -0.80
N GLY B 135 -11.27 -8.08 -1.13
CA GLY B 135 -12.35 -7.39 -0.42
C GLY B 135 -13.66 -8.15 -0.56
N ALA B 136 -14.47 -8.17 0.52
CA ALA B 136 -15.71 -8.92 0.53
C ALA B 136 -16.70 -8.41 -0.53
N LYS B 137 -16.69 -7.12 -0.85
CA LYS B 137 -17.63 -6.65 -1.91
C LYS B 137 -17.19 -7.25 -3.25
N ASP B 138 -15.89 -7.43 -3.44
CA ASP B 138 -15.33 -7.91 -4.69
C ASP B 138 -15.55 -9.43 -4.79
N VAL B 139 -15.48 -10.13 -3.65
CA VAL B 139 -15.82 -11.54 -3.62
C VAL B 139 -17.20 -11.75 -4.24
N GLU B 140 -18.11 -10.80 -4.02
CA GLU B 140 -19.47 -10.93 -4.53
C GLU B 140 -19.54 -10.53 -6.01
N ARG B 141 -19.01 -9.37 -6.35
CA ARG B 141 -19.18 -8.83 -7.72
C ARG B 141 -18.26 -9.47 -8.74
N GLN B 142 -17.22 -10.18 -8.29
CA GLN B 142 -16.31 -10.87 -9.20
C GLN B 142 -16.26 -12.35 -8.87
N SER B 143 -17.41 -12.90 -8.45
N SER B 143 -17.40 -12.90 -8.46
CA SER B 143 -17.49 -14.24 -7.89
CA SER B 143 -17.54 -14.25 -7.91
C SER B 143 -16.92 -15.34 -8.80
C SER B 143 -16.90 -15.32 -8.80
N PRO B 144 -17.07 -15.33 -10.15
CA PRO B 144 -16.48 -16.41 -10.97
C PRO B 144 -14.99 -16.61 -10.69
N ASN B 145 -14.27 -15.51 -10.42
CA ASN B 145 -12.83 -15.60 -10.18
C ASN B 145 -12.51 -16.22 -8.82
N VAL B 146 -13.42 -16.08 -7.86
CA VAL B 146 -13.18 -16.70 -6.55
C VAL B 146 -13.21 -18.22 -6.72
N PHE B 147 -14.21 -18.70 -7.48
CA PHE B 147 -14.33 -20.13 -7.76
C PHE B 147 -13.07 -20.63 -8.46
N ARG B 148 -12.58 -19.90 -9.46
CA ARG B 148 -11.39 -20.31 -10.19
C ARG B 148 -10.17 -20.39 -9.27
N MET B 149 -9.97 -19.39 -8.41
CA MET B 149 -8.83 -19.40 -7.50
C MET B 149 -8.85 -20.61 -6.57
N ARG B 150 -10.02 -20.87 -5.99
CA ARG B 150 -10.15 -21.97 -5.04
C ARG B 150 -9.94 -23.33 -5.71
N LEU B 151 -10.46 -23.52 -6.93
CA LEU B 151 -10.27 -24.78 -7.64
C LEU B 151 -8.78 -25.04 -7.90
N MET B 152 -7.99 -23.98 -8.05
CA MET B 152 -6.57 -24.15 -8.32
C MET B 152 -5.75 -24.27 -7.03
N GLY B 153 -6.44 -24.33 -5.89
CA GLY B 153 -5.77 -24.67 -4.64
C GLY B 153 -5.33 -23.45 -3.81
N ALA B 154 -5.68 -22.23 -4.24
CA ALA B 154 -5.30 -21.04 -3.49
C ALA B 154 -6.25 -20.85 -2.32
N GLU B 155 -5.74 -20.28 -1.22
CA GLU B 155 -6.58 -19.85 -0.12
C GLU B 155 -7.07 -18.43 -0.41
N VAL B 156 -8.39 -18.22 -0.39
CA VAL B 156 -8.93 -16.88 -0.68
C VAL B 156 -9.51 -16.33 0.63
N ILE B 157 -9.01 -15.16 1.05
CA ILE B 157 -9.35 -14.61 2.35
C ILE B 157 -10.17 -13.33 2.15
N PRO B 158 -11.49 -13.34 2.43
CA PRO B 158 -12.31 -12.13 2.30
C PRO B 158 -11.90 -11.09 3.34
N VAL B 159 -11.82 -9.83 2.90
CA VAL B 159 -11.47 -8.72 3.77
C VAL B 159 -12.72 -7.85 3.92
N HIS B 160 -13.21 -7.72 5.16
CA HIS B 160 -14.43 -6.99 5.46
C HIS B 160 -14.20 -5.55 5.94
N SER B 161 -12.92 -5.20 6.14
N SER B 161 -12.93 -5.19 6.17
CA SER B 161 -12.54 -3.89 6.67
CA SER B 161 -12.62 -3.89 6.74
C SER B 161 -12.73 -2.79 5.63
C SER B 161 -12.72 -2.80 5.66
N GLY B 162 -12.88 -1.55 6.12
CA GLY B 162 -12.93 -0.38 5.24
C GLY B 162 -14.04 -0.47 4.19
N SER B 163 -13.66 -0.25 2.92
CA SER B 163 -14.60 -0.30 1.79
C SER B 163 -14.84 -1.74 1.33
N ALA B 164 -14.11 -2.71 1.90
CA ALA B 164 -14.19 -4.11 1.51
C ALA B 164 -13.93 -4.28 0.02
N THR B 165 -12.96 -3.49 -0.50
CA THR B 165 -12.55 -3.55 -1.89
C THR B 165 -11.03 -3.60 -1.93
N LEU B 166 -10.46 -3.24 -3.08
CA LEU B 166 -9.07 -3.52 -3.39
C LEU B 166 -8.11 -2.86 -2.39
N LYS B 167 -8.36 -1.62 -1.98
CA LYS B 167 -7.48 -0.94 -1.04
C LYS B 167 -7.36 -1.79 0.23
N ASP B 168 -8.49 -2.32 0.68
CA ASP B 168 -8.53 -3.04 1.95
C ASP B 168 -7.78 -4.38 1.83
N ALA B 169 -7.91 -5.04 0.68
CA ALA B 169 -7.14 -6.25 0.40
C ALA B 169 -5.65 -5.96 0.36
N CYS B 170 -5.25 -4.81 -0.24
CA CYS B 170 -3.85 -4.43 -0.32
C CYS B 170 -3.29 -4.27 1.09
N ASN B 171 -4.06 -3.60 1.96
CA ASN B 171 -3.64 -3.34 3.32
C ASN B 171 -3.35 -4.67 4.03
N GLU B 172 -4.28 -5.63 3.93
CA GLU B 172 -4.13 -6.90 4.63
C GLU B 172 -2.96 -7.69 4.09
N ALA B 173 -2.75 -7.69 2.77
CA ALA B 173 -1.62 -8.38 2.18
C ALA B 173 -0.30 -7.84 2.72
N LEU B 174 -0.17 -6.51 2.83
CA LEU B 174 1.07 -5.91 3.29
C LEU B 174 1.28 -6.19 4.78
N ARG B 175 0.20 -6.14 5.56
CA ARG B 175 0.33 -6.48 6.98
C ARG B 175 0.82 -7.92 7.13
N ASP B 176 0.25 -8.85 6.35
CA ASP B 176 0.67 -10.24 6.37
C ASP B 176 2.16 -10.34 6.06
N TRP B 177 2.60 -9.72 4.95
CA TRP B 177 3.99 -9.81 4.50
C TRP B 177 4.94 -9.30 5.58
N SER B 178 4.54 -8.25 6.31
CA SER B 178 5.43 -7.70 7.33
C SER B 178 5.77 -8.73 8.41
N GLY B 179 4.96 -9.78 8.57
CA GLY B 179 5.25 -10.87 9.50
C GLY B 179 5.72 -12.15 8.84
N SER B 180 5.55 -12.29 7.51
CA SER B 180 5.78 -13.56 6.85
C SER B 180 6.88 -13.52 5.79
N TYR B 181 7.57 -12.37 5.63
CA TYR B 181 8.47 -12.16 4.51
C TYR B 181 9.63 -13.16 4.49
N GLU B 182 9.95 -13.82 5.62
CA GLU B 182 11.08 -14.74 5.59
C GLU B 182 10.80 -15.92 4.66
N THR B 183 9.53 -16.32 4.57
CA THR B 183 9.14 -17.48 3.80
C THR B 183 8.23 -17.14 2.61
N ALA B 184 7.58 -15.96 2.64
CA ALA B 184 6.59 -15.60 1.63
C ALA B 184 7.09 -14.46 0.74
N HIS B 185 6.81 -14.59 -0.56
CA HIS B 185 6.98 -13.46 -1.47
C HIS B 185 5.63 -12.75 -1.65
N TYR B 186 5.67 -11.42 -1.55
CA TYR B 186 4.48 -10.63 -1.84
C TYR B 186 4.39 -10.33 -3.35
N MET B 187 3.45 -11.01 -4.01
CA MET B 187 3.32 -10.85 -5.45
C MET B 187 2.35 -9.71 -5.72
N LEU B 188 2.88 -8.49 -5.62
CA LEU B 188 2.10 -7.28 -5.88
C LEU B 188 1.68 -7.30 -7.35
N GLY B 189 0.40 -6.97 -7.60
CA GLY B 189 -0.17 -7.22 -8.92
C GLY B 189 -0.29 -5.99 -9.82
N THR B 190 0.37 -4.88 -9.48
CA THR B 190 0.28 -3.69 -10.33
C THR B 190 1.58 -2.92 -10.24
N ALA B 191 1.74 -1.87 -11.09
CA ALA B 191 2.95 -1.08 -11.14
C ALA B 191 2.86 0.05 -10.11
N ALA B 192 2.68 -0.33 -8.84
CA ALA B 192 2.55 0.62 -7.75
C ALA B 192 3.19 -0.01 -6.51
N GLY B 193 3.01 0.63 -5.37
CA GLY B 193 3.63 0.17 -4.16
C GLY B 193 5.08 0.62 -4.07
N PRO B 194 5.83 0.10 -3.08
CA PRO B 194 7.21 0.52 -2.88
C PRO B 194 8.13 -0.02 -3.98
N HIS B 195 9.19 0.73 -4.26
CA HIS B 195 10.27 0.23 -5.09
C HIS B 195 10.73 -1.10 -4.45
N PRO B 196 11.02 -2.15 -5.24
CA PRO B 196 11.16 -2.11 -6.69
C PRO B 196 9.94 -2.50 -7.52
N TYR B 197 8.77 -2.65 -6.90
CA TYR B 197 7.63 -3.16 -7.64
C TYR B 197 7.26 -2.34 -8.91
N PRO B 198 7.12 -0.99 -8.89
CA PRO B 198 6.73 -0.29 -10.13
C PRO B 198 7.68 -0.60 -11.30
N THR B 199 8.97 -0.78 -10.98
CA THR B 199 9.96 -1.06 -12.01
C THR B 199 9.87 -2.52 -12.49
N ILE B 200 9.77 -3.48 -11.53
CA ILE B 200 9.67 -4.89 -11.90
C ILE B 200 8.42 -5.12 -12.75
N VAL B 201 7.29 -4.58 -12.29
CA VAL B 201 6.03 -4.84 -12.99
C VAL B 201 6.06 -4.27 -14.41
N ARG B 202 6.63 -3.07 -14.59
CA ARG B 202 6.81 -2.53 -15.94
C ARG B 202 7.66 -3.46 -16.80
N GLU B 203 8.80 -3.93 -16.24
CA GLU B 203 9.72 -4.67 -17.08
C GLU B 203 9.15 -6.04 -17.43
N PHE B 204 8.22 -6.55 -16.60
CA PHE B 204 7.61 -7.85 -16.86
C PHE B 204 6.28 -7.73 -17.62
N GLN B 205 5.85 -6.48 -17.92
CA GLN B 205 4.66 -6.25 -18.75
C GLN B 205 5.01 -5.62 -20.09
N ARG B 206 6.27 -5.26 -20.34
CA ARG B 206 6.58 -4.36 -21.44
C ARG B 206 6.49 -5.07 -22.79
N MET B 207 6.35 -6.41 -22.76
CA MET B 207 6.15 -7.15 -24.00
C MET B 207 4.86 -6.72 -24.69
N ILE B 208 3.87 -6.22 -23.92
CA ILE B 208 2.60 -5.76 -24.50
C ILE B 208 2.90 -4.71 -25.58
N GLY B 209 3.56 -3.62 -25.18
CA GLY B 209 3.89 -2.55 -26.11
C GLY B 209 4.88 -2.98 -27.19
N GLU B 210 5.84 -3.86 -26.85
CA GLU B 210 6.85 -4.28 -27.80
C GLU B 210 6.17 -5.05 -28.94
N GLU B 211 5.27 -5.98 -28.57
CA GLU B 211 4.51 -6.74 -29.56
C GLU B 211 3.62 -5.80 -30.39
N THR B 212 2.88 -4.90 -29.70
CA THR B 212 2.00 -3.95 -30.38
C THR B 212 2.77 -3.20 -31.46
N LYS B 213 3.96 -2.70 -31.10
CA LYS B 213 4.76 -1.93 -32.04
C LYS B 213 5.07 -2.76 -33.29
N ALA B 214 5.51 -4.01 -33.08
CA ALA B 214 5.90 -4.86 -34.20
C ALA B 214 4.69 -5.18 -35.07
N GLN B 215 3.55 -5.44 -34.41
CA GLN B 215 2.33 -5.81 -35.10
C GLN B 215 1.76 -4.65 -35.93
N ILE B 216 1.79 -3.44 -35.36
N ILE B 216 1.75 -3.44 -35.36
CA ILE B 216 1.20 -2.31 -36.08
CA ILE B 216 1.21 -2.28 -36.05
C ILE B 216 2.11 -1.89 -37.23
C ILE B 216 2.10 -1.94 -37.25
N LEU B 217 3.42 -2.01 -37.05
CA LEU B 217 4.35 -1.76 -38.15
C LEU B 217 4.12 -2.74 -39.30
N ASP B 218 3.87 -4.02 -38.96
CA ASP B 218 3.57 -5.04 -39.95
C ASP B 218 2.29 -4.70 -40.73
N LYS B 219 1.24 -4.28 -40.02
N LYS B 219 1.25 -4.23 -40.03
CA LYS B 219 -0.08 -4.12 -40.62
CA LYS B 219 -0.07 -4.13 -40.64
C LYS B 219 -0.23 -2.77 -41.34
C LYS B 219 -0.35 -2.75 -41.24
N GLU B 220 0.31 -1.70 -40.73
CA GLU B 220 0.02 -0.33 -41.12
C GLU B 220 1.25 0.39 -41.64
N GLY B 221 2.45 -0.14 -41.40
CA GLY B 221 3.66 0.45 -41.93
C GLY B 221 4.12 1.71 -41.17
N ARG B 222 3.50 1.96 -40.01
CA ARG B 222 3.82 3.15 -39.22
C ARG B 222 3.34 2.92 -37.80
N LEU B 223 3.73 3.84 -36.90
CA LEU B 223 3.34 3.78 -35.50
C LEU B 223 1.92 4.30 -35.30
N PRO B 224 1.25 3.96 -34.19
CA PRO B 224 -0.08 4.50 -33.90
C PRO B 224 0.00 6.00 -33.64
N ASP B 225 -1.13 6.69 -33.87
CA ASP B 225 -1.26 8.07 -33.42
C ASP B 225 -1.38 8.11 -31.89
N ALA B 226 -2.05 7.10 -31.31
CA ALA B 226 -2.15 7.00 -29.85
C ALA B 226 -2.40 5.57 -29.42
N VAL B 227 -1.93 5.28 -28.20
CA VAL B 227 -2.25 4.01 -27.53
C VAL B 227 -2.99 4.36 -26.25
N ILE B 228 -4.05 3.61 -25.94
CA ILE B 228 -5.00 3.95 -24.91
C ILE B 228 -5.18 2.73 -23.99
N ALA B 229 -5.12 2.98 -22.69
CA ALA B 229 -5.17 1.89 -21.72
C ALA B 229 -5.86 2.38 -20.45
N CYS B 230 -6.62 1.52 -19.77
CA CYS B 230 -7.18 1.85 -18.47
C CYS B 230 -6.09 1.83 -17.39
N VAL B 231 -6.33 2.56 -16.29
CA VAL B 231 -5.37 2.68 -15.20
C VAL B 231 -6.07 2.40 -13.88
N GLY B 232 -5.76 1.23 -13.30
CA GLY B 232 -6.19 0.90 -11.95
C GLY B 232 -5.05 1.20 -10.98
N GLY B 233 -3.96 0.44 -11.12
CA GLY B 233 -2.72 0.82 -10.46
C GLY B 233 -1.66 1.21 -11.47
N GLY B 234 -1.82 0.75 -12.72
CA GLY B 234 -0.90 1.18 -13.76
C GLY B 234 -0.18 0.13 -14.60
N SER B 235 -0.37 -1.19 -14.31
CA SER B 235 0.44 -2.19 -14.99
C SER B 235 0.14 -2.40 -16.47
N ASN B 236 -1.15 -2.53 -16.85
CA ASN B 236 -1.39 -2.78 -18.27
C ASN B 236 -1.06 -1.54 -19.09
N ALA B 237 -1.30 -0.36 -18.49
CA ALA B 237 -1.00 0.88 -19.22
C ALA B 237 0.50 1.04 -19.38
N ILE B 238 1.30 0.83 -18.29
CA ILE B 238 2.73 1.01 -18.48
C ILE B 238 3.33 -0.06 -19.38
N GLY B 239 2.73 -1.27 -19.34
CA GLY B 239 3.17 -2.34 -20.22
C GLY B 239 2.99 -1.99 -21.69
N MET B 240 1.85 -1.33 -21.98
CA MET B 240 1.60 -0.84 -23.34
C MET B 240 2.48 0.37 -23.67
N PHE B 241 2.64 1.29 -22.72
CA PHE B 241 3.31 2.56 -23.02
C PHE B 241 4.82 2.43 -23.17
N ALA B 242 5.44 1.51 -22.39
CA ALA B 242 6.87 1.62 -22.15
C ALA B 242 7.67 1.69 -23.44
N ASP B 243 7.37 0.81 -24.40
CA ASP B 243 8.16 0.74 -25.62
C ASP B 243 7.91 1.93 -26.54
N PHE B 244 6.89 2.76 -26.26
CA PHE B 244 6.57 3.92 -27.08
C PHE B 244 7.01 5.22 -26.41
N ILE B 245 7.52 5.16 -25.16
CA ILE B 245 7.82 6.41 -24.46
C ILE B 245 8.79 7.26 -25.29
N ASN B 246 9.78 6.62 -25.93
CA ASN B 246 10.77 7.36 -26.70
C ASN B 246 10.31 7.67 -28.13
N ASP B 247 9.13 7.19 -28.53
CA ASP B 247 8.56 7.53 -29.84
C ASP B 247 7.63 8.74 -29.68
N THR B 248 8.19 9.95 -29.81
CA THR B 248 7.57 11.16 -29.30
C THR B 248 6.25 11.51 -29.99
N SER B 249 6.04 10.98 -31.21
N SER B 249 6.03 10.95 -31.20
CA SER B 249 4.83 11.21 -31.98
CA SER B 249 4.84 11.25 -31.96
C SER B 249 3.64 10.42 -31.45
C SER B 249 3.71 10.25 -31.67
N VAL B 250 3.91 9.36 -30.69
CA VAL B 250 2.87 8.44 -30.26
C VAL B 250 2.25 8.97 -28.99
N GLY B 251 0.97 9.32 -29.05
CA GLY B 251 0.23 9.69 -27.86
C GLY B 251 0.06 8.51 -26.92
N LEU B 252 0.14 8.80 -25.61
CA LEU B 252 -0.06 7.83 -24.55
C LEU B 252 -1.22 8.33 -23.72
N ILE B 253 -2.33 7.60 -23.72
CA ILE B 253 -3.53 8.05 -23.02
C ILE B 253 -3.94 6.99 -22.01
N GLY B 254 -4.01 7.39 -20.74
CA GLY B 254 -4.46 6.53 -19.68
C GLY B 254 -5.84 6.95 -19.19
N VAL B 255 -6.70 5.96 -18.92
CA VAL B 255 -8.08 6.21 -18.58
C VAL B 255 -8.37 5.76 -17.16
N GLU B 256 -8.67 6.69 -16.27
CA GLU B 256 -9.03 6.45 -14.88
C GLU B 256 -10.54 6.27 -14.79
N PRO B 257 -11.05 5.54 -13.79
CA PRO B 257 -12.49 5.39 -13.60
C PRO B 257 -13.12 6.64 -13.00
N GLY B 258 -14.18 7.09 -13.70
CA GLY B 258 -14.94 8.25 -13.28
C GLY B 258 -16.10 7.86 -12.38
N GLY B 259 -16.36 6.55 -12.25
CA GLY B 259 -17.38 6.18 -11.30
C GLY B 259 -18.76 6.74 -11.65
N HIS B 260 -19.45 7.27 -10.64
CA HIS B 260 -20.75 7.92 -10.87
C HIS B 260 -20.61 9.33 -11.43
N GLY B 261 -19.36 9.78 -11.65
CA GLY B 261 -19.07 11.13 -12.12
C GLY B 261 -18.10 11.80 -11.16
N ILE B 262 -17.08 12.48 -11.69
CA ILE B 262 -16.08 13.10 -10.83
C ILE B 262 -16.75 14.01 -9.78
N GLU B 263 -17.76 14.77 -10.22
CA GLU B 263 -18.46 15.72 -9.37
C GLU B 263 -19.13 15.06 -8.16
N THR B 264 -19.36 13.74 -8.20
CA THR B 264 -20.03 13.07 -7.10
C THR B 264 -19.04 12.69 -6.00
N GLY B 265 -17.75 12.68 -6.33
CA GLY B 265 -16.72 12.20 -5.41
C GLY B 265 -16.59 10.67 -5.40
N GLU B 266 -17.48 9.98 -6.13
CA GLU B 266 -17.52 8.52 -6.19
C GLU B 266 -16.83 8.09 -7.49
N HIS B 267 -15.50 7.99 -7.44
CA HIS B 267 -14.67 7.73 -8.58
C HIS B 267 -13.36 7.09 -8.11
N GLY B 268 -12.47 6.81 -9.06
CA GLY B 268 -11.14 6.34 -8.69
C GLY B 268 -10.07 7.01 -9.55
N ALA B 269 -10.13 8.36 -9.61
CA ALA B 269 -9.29 9.08 -10.56
C ALA B 269 -8.34 10.02 -9.83
N PRO B 270 -7.38 9.50 -9.03
CA PRO B 270 -6.46 10.35 -8.27
C PRO B 270 -5.44 11.13 -9.09
N LEU B 271 -5.02 10.60 -10.25
CA LEU B 271 -4.00 11.28 -11.02
C LEU B 271 -4.49 12.69 -11.34
N LYS B 272 -5.76 12.79 -11.77
CA LYS B 272 -6.27 14.07 -12.24
C LYS B 272 -7.08 14.77 -11.17
N HIS B 273 -7.54 14.08 -10.12
CA HIS B 273 -8.48 14.70 -9.19
C HIS B 273 -8.07 14.49 -7.73
N GLY B 274 -6.90 13.88 -7.51
CA GLY B 274 -6.36 13.72 -6.17
C GLY B 274 -5.22 14.70 -5.91
N ARG B 275 -4.44 14.35 -4.90
N ARG B 275 -4.39 14.43 -4.90
CA ARG B 275 -3.45 15.21 -4.29
CA ARG B 275 -3.18 15.20 -4.70
C ARG B 275 -2.32 14.29 -3.82
C ARG B 275 -2.11 14.29 -4.08
N VAL B 276 -1.07 14.71 -4.03
N VAL B 276 -0.84 14.69 -4.21
CA VAL B 276 0.09 13.88 -3.68
CA VAL B 276 0.26 13.82 -3.76
C VAL B 276 0.02 13.47 -2.21
C VAL B 276 0.17 13.50 -2.26
N GLY B 277 0.37 12.20 -1.95
CA GLY B 277 0.42 11.73 -0.57
C GLY B 277 1.32 10.51 -0.45
N ILE B 278 1.39 9.96 0.76
CA ILE B 278 2.20 8.77 1.00
C ILE B 278 1.30 7.67 1.56
N TYR B 279 1.21 6.55 0.84
CA TYR B 279 0.34 5.44 1.22
C TYR B 279 0.75 4.24 0.36
N PHE B 280 0.60 3.03 0.93
CA PHE B 280 0.89 1.78 0.22
C PHE B 280 2.34 1.79 -0.27
N GLY B 281 3.25 2.33 0.55
CA GLY B 281 4.66 2.24 0.26
C GLY B 281 5.20 3.26 -0.74
N MET B 282 4.36 4.21 -1.20
CA MET B 282 4.80 5.10 -2.27
C MET B 282 4.30 6.52 -2.03
N LYS B 283 5.04 7.47 -2.62
CA LYS B 283 4.57 8.85 -2.76
C LYS B 283 3.94 8.98 -4.14
N ALA B 284 2.63 9.25 -4.15
CA ALA B 284 1.89 9.23 -5.40
C ALA B 284 0.62 10.04 -5.22
N PRO B 285 -0.05 10.46 -6.32
CA PRO B 285 -1.37 11.07 -6.20
C PRO B 285 -2.36 10.13 -5.52
N MET B 286 -3.14 10.67 -4.57
N MET B 286 -3.15 10.65 -4.60
CA MET B 286 -4.11 9.94 -3.76
CA MET B 286 -4.18 9.83 -4.02
C MET B 286 -5.43 10.68 -3.69
C MET B 286 -5.41 10.66 -3.66
N MET B 287 -6.53 9.93 -3.54
CA MET B 287 -7.78 10.48 -3.06
C MET B 287 -7.69 10.57 -1.55
N GLN B 288 -7.71 11.79 -1.01
CA GLN B 288 -7.53 11.96 0.42
C GLN B 288 -8.40 13.12 0.91
N THR B 289 -8.78 13.08 2.19
CA THR B 289 -9.52 14.15 2.81
C THR B 289 -8.61 15.37 3.02
N ALA B 290 -9.23 16.52 3.35
CA ALA B 290 -8.47 17.73 3.67
C ALA B 290 -7.37 17.46 4.70
N ASP B 291 -7.65 16.58 5.66
CA ASP B 291 -6.77 16.28 6.78
C ASP B 291 -5.73 15.22 6.45
N GLY B 292 -5.89 14.54 5.31
CA GLY B 292 -4.89 13.58 4.90
C GLY B 292 -5.29 12.13 5.21
N GLN B 293 -6.57 11.88 5.53
CA GLN B 293 -7.03 10.50 5.60
C GLN B 293 -7.19 9.99 4.17
N ILE B 294 -6.91 8.71 3.92
CA ILE B 294 -7.10 8.17 2.58
C ILE B 294 -8.59 7.93 2.37
N GLU B 295 -9.09 8.39 1.22
CA GLU B 295 -10.50 8.22 0.92
C GLU B 295 -10.76 6.85 0.31
N GLU B 296 -12.03 6.45 0.39
CA GLU B 296 -12.48 5.27 -0.33
C GLU B 296 -12.80 5.66 -1.77
N SER B 297 -12.31 4.84 -2.71
CA SER B 297 -12.60 5.01 -4.12
C SER B 297 -13.92 4.32 -4.47
N TYR B 298 -14.38 4.52 -5.71
CA TYR B 298 -15.51 3.80 -6.27
C TYR B 298 -15.35 3.65 -7.78
N SER B 299 -15.63 2.45 -8.28
CA SER B 299 -15.86 2.21 -9.70
C SER B 299 -16.81 1.02 -9.85
N ILE B 300 -17.58 0.98 -10.95
CA ILE B 300 -18.30 -0.24 -11.28
C ILE B 300 -17.31 -1.39 -11.47
N SER B 301 -16.08 -1.07 -11.90
N SER B 301 -16.07 -1.09 -11.88
N SER B 301 -16.10 -1.05 -11.92
CA SER B 301 -15.02 -2.03 -12.18
CA SER B 301 -15.10 -2.12 -12.19
CA SER B 301 -15.03 -2.00 -12.11
C SER B 301 -14.16 -2.24 -10.94
C SER B 301 -14.12 -2.29 -11.03
C SER B 301 -14.30 -2.21 -10.80
N ALA B 302 -14.18 -3.47 -10.39
CA ALA B 302 -13.42 -3.80 -9.19
C ALA B 302 -11.93 -3.58 -9.41
N GLY B 303 -11.44 -3.86 -10.61
CA GLY B 303 -10.02 -3.75 -10.93
C GLY B 303 -9.49 -2.32 -11.00
N LEU B 304 -10.39 -1.31 -11.17
CA LEU B 304 -9.96 0.08 -11.20
C LEU B 304 -10.23 0.81 -9.88
N ASP B 305 -10.94 0.15 -8.97
CA ASP B 305 -11.47 0.72 -7.74
C ASP B 305 -10.36 0.83 -6.68
N PHE B 306 -9.47 1.81 -6.86
CA PHE B 306 -8.34 1.99 -5.95
C PHE B 306 -8.03 3.48 -5.88
N PRO B 307 -7.80 4.06 -4.67
CA PRO B 307 -7.65 5.51 -4.55
C PRO B 307 -6.26 6.09 -4.81
N SER B 308 -5.36 5.30 -5.41
CA SER B 308 -4.08 5.85 -5.82
C SER B 308 -3.70 5.31 -7.20
N VAL B 309 -2.45 5.49 -7.60
CA VAL B 309 -1.98 5.17 -8.93
C VAL B 309 -0.46 5.00 -8.86
N GLY B 310 0.11 4.20 -9.77
CA GLY B 310 1.55 3.99 -9.85
C GLY B 310 2.35 5.25 -10.10
N PRO B 311 3.55 5.38 -9.51
CA PRO B 311 4.30 6.62 -9.60
C PRO B 311 4.84 6.95 -10.98
N GLN B 312 5.04 5.96 -11.85
CA GLN B 312 5.55 6.30 -13.16
C GLN B 312 4.47 7.03 -13.99
N HIS B 313 3.19 6.71 -13.75
CA HIS B 313 2.11 7.43 -14.44
C HIS B 313 2.04 8.85 -13.91
N ALA B 314 2.15 9.06 -12.59
CA ALA B 314 2.16 10.40 -12.04
C ALA B 314 3.28 11.21 -12.68
N TYR B 315 4.44 10.62 -12.91
CA TYR B 315 5.59 11.27 -13.52
C TYR B 315 5.33 11.61 -14.99
N LEU B 316 4.88 10.63 -15.78
CA LEU B 316 4.62 10.84 -17.19
C LEU B 316 3.57 11.93 -17.39
N ASN B 317 2.56 11.97 -16.50
CA ASN B 317 1.60 13.08 -16.54
C ASN B 317 2.28 14.41 -16.26
N SER B 318 3.12 14.47 -15.21
N SER B 318 3.14 14.45 -15.23
CA SER B 318 3.66 15.74 -14.77
CA SER B 318 3.70 15.71 -14.75
C SER B 318 4.48 16.42 -15.87
C SER B 318 4.51 16.41 -15.84
N ILE B 319 5.20 15.63 -16.68
CA ILE B 319 6.05 16.15 -17.73
C ILE B 319 5.30 16.28 -19.06
N GLY B 320 4.03 15.84 -19.07
CA GLY B 320 3.18 15.96 -20.26
C GLY B 320 3.46 14.90 -21.33
N ARG B 321 4.20 13.83 -20.99
CA ARG B 321 4.45 12.79 -21.98
C ARG B 321 3.21 11.91 -22.17
N ALA B 322 2.42 11.73 -21.11
CA ALA B 322 1.17 11.00 -21.21
C ALA B 322 0.03 11.91 -20.73
N ASP B 323 -1.15 11.71 -21.34
CA ASP B 323 -2.36 12.41 -20.91
C ASP B 323 -3.29 11.42 -20.24
N TYR B 324 -4.00 11.88 -19.21
CA TYR B 324 -4.93 11.06 -18.48
C TYR B 324 -6.31 11.68 -18.48
N VAL B 325 -7.31 10.82 -18.65
CA VAL B 325 -8.71 11.20 -18.79
C VAL B 325 -9.53 10.28 -17.90
N SER B 326 -10.84 10.50 -17.75
CA SER B 326 -11.72 9.62 -17.00
C SER B 326 -12.94 9.22 -17.83
N ILE B 327 -13.50 8.06 -17.51
CA ILE B 327 -14.68 7.50 -18.14
C ILE B 327 -15.61 7.04 -17.04
N THR B 328 -16.91 7.34 -17.14
CA THR B 328 -17.84 6.99 -16.07
C THR B 328 -18.30 5.53 -16.22
N ASP B 329 -18.98 5.04 -15.18
CA ASP B 329 -19.59 3.73 -15.22
C ASP B 329 -20.48 3.59 -16.46
N ASP B 330 -21.33 4.59 -16.74
CA ASP B 330 -22.30 4.44 -17.82
C ASP B 330 -21.58 4.41 -19.17
N GLU B 331 -20.55 5.23 -19.33
CA GLU B 331 -19.75 5.20 -20.55
C GLU B 331 -19.12 3.83 -20.75
N ALA B 332 -18.51 3.29 -19.67
CA ALA B 332 -17.89 1.98 -19.76
C ALA B 332 -18.90 0.89 -20.15
N LEU B 333 -20.08 0.91 -19.53
CA LEU B 333 -21.11 -0.06 -19.86
C LEU B 333 -21.51 0.03 -21.34
N GLU B 334 -21.60 1.25 -21.89
CA GLU B 334 -21.99 1.37 -23.30
C GLU B 334 -20.91 0.76 -24.21
N ALA B 335 -19.64 0.97 -23.86
CA ALA B 335 -18.56 0.42 -24.67
C ALA B 335 -18.56 -1.12 -24.57
N PHE B 336 -18.85 -1.64 -23.36
CA PHE B 336 -18.95 -3.08 -23.15
C PHE B 336 -19.97 -3.66 -24.11
N LYS B 337 -21.18 -3.05 -24.11
CA LYS B 337 -22.27 -3.54 -24.94
C LYS B 337 -21.90 -3.45 -26.42
N THR B 338 -21.28 -2.33 -26.80
CA THR B 338 -20.92 -2.08 -28.20
C THR B 338 -19.95 -3.15 -28.71
N LEU B 339 -18.93 -3.48 -27.92
CA LEU B 339 -17.95 -4.46 -28.38
C LEU B 339 -18.57 -5.86 -28.48
N CYS B 340 -19.44 -6.19 -27.52
CA CYS B 340 -20.07 -7.51 -27.52
C CYS B 340 -20.89 -7.66 -28.80
N ARG B 341 -21.68 -6.62 -29.14
CA ARG B 341 -22.70 -6.75 -30.18
C ARG B 341 -22.12 -6.53 -31.58
N HIS B 342 -21.03 -5.78 -31.68
CA HIS B 342 -20.53 -5.36 -32.98
C HIS B 342 -19.18 -5.97 -33.36
N GLU B 343 -18.45 -6.53 -32.36
CA GLU B 343 -17.19 -7.19 -32.68
C GLU B 343 -17.17 -8.63 -32.16
N GLY B 344 -18.15 -9.02 -31.35
CA GLY B 344 -18.19 -10.38 -30.82
C GLY B 344 -17.05 -10.62 -29.82
N ILE B 345 -16.67 -9.59 -29.07
CA ILE B 345 -15.68 -9.75 -27.99
C ILE B 345 -16.31 -9.21 -26.73
N ILE B 346 -16.26 -10.00 -25.64
CA ILE B 346 -16.80 -9.56 -24.35
C ILE B 346 -15.60 -9.05 -23.55
N PRO B 347 -15.46 -7.73 -23.35
CA PRO B 347 -14.28 -7.19 -22.66
C PRO B 347 -14.50 -7.10 -21.16
N ALA B 348 -13.40 -7.12 -20.39
CA ALA B 348 -13.49 -6.77 -18.98
C ALA B 348 -14.07 -5.37 -18.81
N LEU B 349 -14.80 -5.14 -17.71
CA LEU B 349 -15.28 -3.78 -17.48
C LEU B 349 -14.14 -2.79 -17.31
N GLU B 350 -12.98 -3.23 -16.81
CA GLU B 350 -11.81 -2.37 -16.69
C GLU B 350 -11.43 -1.87 -18.09
N SER B 351 -11.22 -2.80 -19.02
CA SER B 351 -10.80 -2.55 -20.41
C SER B 351 -11.86 -1.72 -21.14
N SER B 352 -13.13 -1.90 -20.76
CA SER B 352 -14.23 -1.14 -21.37
C SER B 352 -14.04 0.35 -21.13
N HIS B 353 -13.35 0.76 -20.06
CA HIS B 353 -13.07 2.18 -19.87
C HIS B 353 -12.14 2.70 -20.96
N ALA B 354 -11.08 1.98 -21.32
CA ALA B 354 -10.18 2.36 -22.40
C ALA B 354 -10.94 2.41 -23.72
N LEU B 355 -11.70 1.37 -24.04
CA LEU B 355 -12.49 1.38 -25.26
C LEU B 355 -13.44 2.58 -25.30
N ALA B 356 -14.12 2.87 -24.19
CA ALA B 356 -15.08 3.98 -24.18
C ALA B 356 -14.37 5.27 -24.57
N HIS B 357 -13.17 5.50 -24.08
CA HIS B 357 -12.47 6.72 -24.45
C HIS B 357 -12.09 6.73 -25.92
N ALA B 358 -11.65 5.61 -26.48
CA ALA B 358 -11.34 5.54 -27.92
C ALA B 358 -12.60 5.83 -28.74
N LEU B 359 -13.75 5.28 -28.32
CA LEU B 359 -14.99 5.52 -29.06
C LEU B 359 -15.35 7.01 -28.99
N LYS B 360 -15.10 7.65 -27.85
N LYS B 360 -15.07 7.67 -27.87
CA LYS B 360 -15.30 9.10 -27.72
CA LYS B 360 -15.34 9.10 -27.76
C LYS B 360 -14.44 9.81 -28.75
C LYS B 360 -14.40 9.90 -28.63
N MET B 361 -13.14 9.51 -28.76
CA MET B 361 -12.18 10.17 -29.63
C MET B 361 -12.66 10.12 -31.09
N MET B 362 -13.23 8.99 -31.49
CA MET B 362 -13.74 8.79 -32.84
C MET B 362 -15.04 9.59 -33.03
N ARG B 363 -16.00 9.46 -32.09
CA ARG B 363 -17.32 10.05 -32.29
C ARG B 363 -17.26 11.58 -32.21
N GLU B 364 -16.41 12.13 -31.36
CA GLU B 364 -16.31 13.58 -31.19
C GLU B 364 -15.76 14.23 -32.45
N GLN B 365 -14.87 13.57 -33.17
CA GLN B 365 -14.17 14.13 -34.32
C GLN B 365 -14.14 13.08 -35.43
N PRO B 366 -15.31 12.79 -36.05
CA PRO B 366 -15.43 11.63 -36.94
C PRO B 366 -14.68 11.72 -38.27
N GLU B 367 -14.26 12.96 -38.64
CA GLU B 367 -13.46 13.13 -39.85
C GLU B 367 -11.97 13.35 -39.55
N LYS B 368 -11.57 13.11 -38.29
CA LYS B 368 -10.15 13.20 -37.94
C LYS B 368 -9.50 11.85 -38.28
N GLU B 369 -8.46 11.87 -39.13
CA GLU B 369 -7.74 10.65 -39.42
C GLU B 369 -6.88 10.29 -38.22
N GLN B 370 -7.14 9.09 -37.66
CA GLN B 370 -6.33 8.67 -36.53
C GLN B 370 -6.25 7.15 -36.48
N LEU B 371 -5.05 6.65 -36.21
CA LEU B 371 -4.79 5.22 -36.00
C LEU B 371 -4.59 4.98 -34.50
N LEU B 372 -5.52 4.25 -33.88
CA LEU B 372 -5.58 4.08 -32.43
C LEU B 372 -5.37 2.61 -32.08
N VAL B 373 -4.71 2.36 -30.94
CA VAL B 373 -4.65 1.02 -30.34
C VAL B 373 -5.21 1.10 -28.93
N VAL B 374 -6.18 0.24 -28.61
CA VAL B 374 -6.68 0.11 -27.25
C VAL B 374 -6.13 -1.20 -26.69
N ASN B 375 -5.57 -1.12 -25.47
CA ASN B 375 -5.14 -2.35 -24.79
C ASN B 375 -6.38 -3.03 -24.21
N LEU B 376 -6.74 -4.18 -24.79
N LEU B 376 -6.72 -4.20 -24.77
CA LEU B 376 -7.88 -4.92 -24.26
CA LEU B 376 -7.87 -4.92 -24.28
C LEU B 376 -7.33 -5.86 -23.18
C LEU B 376 -7.37 -5.87 -23.18
N SER B 377 -7.30 -5.32 -21.97
CA SER B 377 -6.48 -5.89 -20.91
C SER B 377 -7.05 -7.20 -20.42
N GLY B 378 -8.35 -7.46 -20.55
CA GLY B 378 -8.91 -8.72 -20.10
C GLY B 378 -10.27 -9.04 -20.71
N ARG B 379 -10.74 -10.27 -20.50
N ARG B 379 -10.73 -10.27 -20.51
CA ARG B 379 -12.04 -10.69 -20.97
CA ARG B 379 -12.04 -10.67 -20.97
C ARG B 379 -13.07 -10.47 -19.85
C ARG B 379 -13.05 -10.42 -19.87
N GLY B 380 -14.34 -10.38 -20.26
CA GLY B 380 -15.39 -9.97 -19.35
C GLY B 380 -16.25 -11.06 -18.74
N ASP B 381 -15.81 -12.32 -18.81
CA ASP B 381 -16.53 -13.44 -18.21
C ASP B 381 -16.87 -13.16 -16.74
N LYS B 382 -15.90 -12.60 -16.00
CA LYS B 382 -16.06 -12.30 -14.59
C LYS B 382 -17.17 -11.27 -14.35
N ASP B 383 -17.53 -10.47 -15.38
CA ASP B 383 -18.42 -9.31 -15.25
C ASP B 383 -19.82 -9.58 -15.78
N ILE B 384 -20.07 -10.75 -16.39
CA ILE B 384 -21.33 -10.91 -17.12
C ILE B 384 -22.53 -10.88 -16.16
N PHE B 385 -22.35 -11.35 -14.92
CA PHE B 385 -23.49 -11.37 -14.01
C PHE B 385 -23.83 -9.94 -13.55
N THR B 386 -22.78 -9.16 -13.24
CA THR B 386 -22.92 -7.75 -12.90
C THR B 386 -23.65 -6.99 -13.99
N VAL B 387 -23.16 -7.12 -15.24
CA VAL B 387 -23.68 -6.35 -16.36
C VAL B 387 -25.12 -6.77 -16.66
N HIS B 388 -25.40 -8.08 -16.61
CA HIS B 388 -26.75 -8.58 -16.82
C HIS B 388 -27.71 -7.91 -15.84
N ASP B 389 -27.34 -7.92 -14.55
CA ASP B 389 -28.19 -7.41 -13.48
C ASP B 389 -28.48 -5.92 -13.65
N ILE B 390 -27.51 -5.18 -14.19
CA ILE B 390 -27.71 -3.74 -14.43
C ILE B 390 -28.65 -3.55 -15.60
N LEU B 391 -28.37 -4.21 -16.73
CA LEU B 391 -29.21 -4.02 -17.91
C LEU B 391 -30.64 -4.46 -17.63
N LYS B 392 -30.80 -5.48 -16.75
CA LYS B 392 -32.13 -5.93 -16.38
C LYS B 392 -32.84 -4.89 -15.54
N ALA B 393 -32.13 -4.29 -14.57
CA ALA B 393 -32.73 -3.30 -13.69
C ALA B 393 -33.19 -2.08 -14.48
N ARG B 394 -32.64 -1.92 -15.69
CA ARG B 394 -33.03 -0.85 -16.59
C ARG B 394 -34.30 -1.27 -17.36
C1 F9F C . 5.06 0.91 14.89
C2 F9F C . 3.73 0.77 15.26
C3 F9F C . 3.33 1.10 16.55
C4 F9F C . 4.27 1.54 17.47
C5 F9F C . 5.60 1.67 17.09
C6 F9F C . 6.00 1.34 15.81
O7 F9F C . 5.41 0.55 13.55
C8 F9F C . 6.69 0.54 13.17
F9F F9F C . 6.77 0.10 11.93
F10 F9F C . 7.24 1.75 13.19
F11 F9F C . 7.45 -0.25 13.89
S12 F9F C . 3.78 1.93 19.11
N13 F9F C . 2.72 0.82 19.58
C14 F9F C . 3.18 -0.58 19.48
C15 F9F C . 2.74 -1.42 20.62
O16 F9F C . 2.78 -2.79 20.15
P17 F9F C . 1.72 -3.83 20.78
O18 F9F C . 2.02 -5.16 20.13
O19 F9F C . 0.34 -3.31 20.44
O20 F9F C . 1.95 -3.81 22.29
O21 F9F C . 3.10 3.20 19.10
O22 F9F C . 4.93 1.76 19.96
C1 EDO D . 25.44 7.54 9.14
O1 EDO D . 26.13 6.32 9.39
C2 EDO D . 26.05 8.69 9.85
O2 EDO D . 25.54 9.95 9.42
C1 EDO E . 16.37 8.20 -1.49
O1 EDO E . 15.32 8.48 -0.61
C2 EDO E . 15.98 7.21 -2.54
O2 EDO E . 16.67 7.38 -3.76
CS CS F . -12.92 3.44 -40.42
CS CS F . -11.10 4.13 -42.03
CS CS G . -7.21 4.12 -9.77
O 0JO H . -6.80 -8.03 -8.87
C 0JO H . -7.10 -7.74 -10.03
OXT 0JO H . -7.33 -8.57 -10.87
CA 0JO H . -7.18 -6.38 -10.42
CB 0JO H . -7.14 -5.38 -9.44
N 0JO H . -7.30 -6.15 -11.77
C4A 0JO H . -7.09 -5.04 -12.41
C4 0JO H . -7.24 -4.97 -13.87
C3 0JO H . -7.79 -6.03 -14.61
O3 0JO H . -8.15 -7.21 -14.05
C2 0JO H . -7.94 -5.91 -16.00
C2A 0JO H . -8.52 -7.03 -16.81
N1 0JO H . -7.58 -4.79 -16.62
C6 0JO H . -7.05 -3.77 -15.92
C5 0JO H . -6.88 -3.80 -14.56
C5A 0JO H . -6.31 -2.59 -13.87
OP4 0JO H . -5.00 -2.88 -13.26
P 0JO H . -3.68 -2.24 -13.89
OP3 0JO H . -2.56 -2.68 -12.95
OP1 0JO H . -3.86 -0.73 -13.84
OP2 0JO H . -3.49 -2.77 -15.29
N1 BZI I . -4.07 -4.81 -9.52
C2 BZI I . -3.59 -5.77 -8.70
N3 BZI I . -3.33 -5.33 -7.49
C3A BZI I . -3.67 -3.97 -7.52
C4 BZI I . -3.59 -3.00 -6.54
C5 BZI I . -4.00 -1.73 -6.86
C6 BZI I . -4.45 -1.41 -8.14
C7 BZI I . -4.54 -2.37 -9.13
C7A BZI I . -4.13 -3.65 -8.79
N1 BCN J . -12.53 16.92 7.98
C1 BCN J . -12.26 15.47 8.03
C2 BCN J . -11.03 15.09 7.20
O21 BCN J . -10.55 15.96 6.45
O22 BCN J . -10.59 13.91 7.33
C3 BCN J . -13.78 17.22 7.25
C4 BCN J . -13.57 17.54 5.79
O4 BCN J . -12.69 18.64 5.61
C5 BCN J . -12.51 17.53 9.32
C6 BCN J . -11.79 18.85 9.39
O6 BCN J . -10.65 18.88 8.54
N1 BZI K . 20.76 3.71 -8.05
C2 BZI K . 20.96 3.80 -9.37
N3 BZI K . 20.56 4.95 -9.89
C3A BZI K . 20.04 5.66 -8.81
C4 BZI K . 19.47 6.92 -8.74
C5 BZI K . 19.04 7.37 -7.52
C6 BZI K . 19.17 6.58 -6.37
C7 BZI K . 19.73 5.32 -6.41
C7A BZI K . 20.16 4.88 -7.65
C1 EDO L . -23.92 15.46 -8.66
O1 EDO L . -22.97 15.23 -7.62
C2 EDO L . -24.33 14.27 -9.44
O2 EDO L . -23.74 14.17 -10.73
C1 EDO M . -14.73 11.13 -1.91
O1 EDO M . -14.02 11.58 -3.04
C2 EDO M . -16.02 11.80 -1.69
O2 EDO M . -15.90 13.20 -1.53
C1 EDO N . -19.13 -6.36 1.44
O1 EDO N . -20.11 -7.29 1.03
C2 EDO N . -19.70 -5.10 1.97
O2 EDO N . -19.40 -3.98 1.16
C1 EDO O . -15.89 17.85 -10.37
O1 EDO O . -15.41 17.57 -11.67
C2 EDO O . -16.92 18.92 -10.38
O2 EDO O . -17.53 19.12 -9.13
#